data_4MW6
#
_entry.id   4MW6
#
_cell.length_a   87.277
_cell.length_b   106.135
_cell.length_c   207.057
_cell.angle_alpha   90.000
_cell.angle_beta   90.000
_cell.angle_gamma   90.000
#
_symmetry.space_group_name_H-M   'P 21 21 21'
#
loop_
_entity.id
_entity.type
_entity.pdbx_description
1 polymer 'Methionyl-tRNA synthetase'
2 non-polymer GLYCEROL
3 non-polymer 'DIMETHYL SULFOXIDE'
4 non-polymer METHIONINE
5 non-polymer 1-(3-{[2-(benzyloxy)-5-chloro-3-(prop-2-en-1-yl)benzyl]amino}propyl)-3-thiophen-3-ylurea
6 water water
#
_entity_poly.entity_id   1
_entity_poly.type   'polypeptide(L)'
_entity_poly.pdbx_seq_one_letter_code
;GPGSMKVEKVFFVTSPIYYVNAAPHIGHVYSTLITDVIGRYHRVKGERVFALTGTDEHGQKVAEAAKQKQVSPYDFTTAV
AGEFKK(CAS)FEQMDYSIDYFIRTTNEQHKAVVKELWTKLEQKGDIYLGRYEGWYSISDESFLTPQNITDGVDKDGNPC
KVSLESGHVVTWVSEENYMFRLSAFRERLLEWYHANPGCIVPEFRRREVIRAVEKGLPDLSVSRARATLHNWAIPVPGNP
DH(CAS)VYVWLDALTNYLTGSRLRVDESGKEVSLVDDFNELERFPADVHVIGKDILKFHAIYWPAFLLSAGLPLPKKIV
AHGWWTKDRKKISKSLGNVFDPVEKAEEFGYDALKYFLLRESGFSDDGDYSDKNMIARLNGELADTLGNLVMRCTSAKIN
VNGEWPSPAAYTEEDESLIQLIKDLPGTADHYYLIPDIQKAIIAVFDVLRAINAYVTDMAPWKLVKTDPERLRTVLYITL
EGVRVTTLLLSPILPRKSVVIFDMLGVPEVHRKGIENFEFGAVPPGTRLGPAVEGEVLFSKRSTENTKST
;
_entity_poly.pdbx_strand_id   A,B
#
loop_
_chem_comp.id
_chem_comp.type
_chem_comp.name
_chem_comp.formula
2EE non-polymer 1-(3-{[2-(benzyloxy)-5-chloro-3-(prop-2-en-1-yl)benzyl]amino}propyl)-3-thiophen-3-ylurea 'C25 H28 Cl N3 O2 S'
DMS non-polymer 'DIMETHYL SULFOXIDE' 'C2 H6 O S'
GOL non-polymer GLYCEROL 'C3 H8 O3'
#
# COMPACT_ATOMS: atom_id res chain seq x y z
N VAL A 7 -28.51 -8.47 11.48
CA VAL A 7 -28.92 -8.79 12.89
C VAL A 7 -27.83 -8.44 13.91
N GLU A 8 -28.25 -7.84 15.01
CA GLU A 8 -27.36 -7.44 16.09
C GLU A 8 -27.35 -8.56 17.13
N LYS A 9 -26.17 -9.08 17.42
CA LYS A 9 -26.02 -10.22 18.31
C LYS A 9 -24.66 -10.11 18.97
N VAL A 10 -24.32 -11.06 19.82
CA VAL A 10 -22.99 -11.07 20.41
C VAL A 10 -22.03 -11.70 19.41
N PHE A 11 -20.94 -11.00 19.12
CA PHE A 11 -19.96 -11.55 18.23
C PHE A 11 -19.34 -12.72 18.93
N PHE A 12 -19.55 -13.90 18.40
CA PHE A 12 -19.09 -15.13 19.03
C PHE A 12 -17.89 -15.66 18.27
N VAL A 13 -16.70 -15.57 18.90
CA VAL A 13 -15.45 -16.10 18.36
C VAL A 13 -14.89 -17.19 19.27
N THR A 14 -14.45 -18.32 18.70
CA THR A 14 -13.94 -19.45 19.49
C THR A 14 -12.55 -19.90 19.07
N SER A 15 -11.92 -20.66 19.95
CA SER A 15 -10.71 -21.41 19.63
C SER A 15 -11.03 -22.89 19.76
N PRO A 16 -10.12 -23.76 19.30
CA PRO A 16 -10.34 -25.17 19.58
C PRO A 16 -10.16 -25.42 21.07
N ILE A 17 -10.83 -26.45 21.59
CA ILE A 17 -10.55 -26.92 22.93
C ILE A 17 -9.47 -27.99 22.83
N TYR A 18 -8.40 -27.84 23.61
CA TYR A 18 -7.17 -28.59 23.38
C TYR A 18 -7.12 -29.86 24.23
N TYR A 19 -6.60 -30.94 23.66
CA TYR A 19 -6.41 -32.18 24.44
C TYR A 19 -5.47 -31.91 25.57
N VAL A 20 -5.80 -32.44 26.75
CA VAL A 20 -4.97 -32.23 27.94
C VAL A 20 -4.02 -33.40 28.24
N ASN A 21 -3.63 -34.15 27.21
CA ASN A 21 -2.67 -35.23 27.37
C ASN A 21 -1.24 -34.75 27.68
N ALA A 22 -0.95 -33.50 27.37
CA ALA A 22 0.37 -32.91 27.59
C ALA A 22 0.28 -31.42 27.92
N ALA A 23 1.38 -30.88 28.42
CA ALA A 23 1.46 -29.46 28.77
C ALA A 23 1.11 -28.58 27.58
N PRO A 24 0.66 -27.33 27.85
CA PRO A 24 0.45 -26.38 26.77
C PRO A 24 1.77 -25.92 26.13
N HIS A 25 1.73 -25.77 24.82
CA HIS A 25 2.87 -25.35 24.02
C HIS A 25 2.45 -24.26 23.02
N ILE A 26 3.36 -23.88 22.13
CA ILE A 26 3.15 -22.75 21.23
C ILE A 26 1.89 -22.86 20.37
N GLY A 27 1.62 -24.03 19.83
CA GLY A 27 0.44 -24.25 19.00
C GLY A 27 -0.88 -23.82 19.62
N HIS A 28 -1.05 -24.13 20.90
CA HIS A 28 -2.29 -23.77 21.60
C HIS A 28 -2.33 -22.26 21.81
N VAL A 29 -1.20 -21.72 22.24
CA VAL A 29 -1.05 -20.28 22.42
C VAL A 29 -1.35 -19.51 21.12
N TYR A 30 -0.85 -20.01 19.99
CA TYR A 30 -1.05 -19.36 18.70
C TYR A 30 -2.51 -19.33 18.31
N SER A 31 -3.17 -20.48 18.41
CA SER A 31 -4.58 -20.58 18.12
C SER A 31 -5.37 -19.65 19.02
N THR A 32 -5.06 -19.66 20.31
CA THR A 32 -5.81 -18.86 21.27
C THR A 32 -5.54 -17.36 21.03
N LEU A 33 -4.32 -17.04 20.60
CA LEU A 33 -3.98 -15.68 20.26
C LEU A 33 -4.87 -15.15 19.13
N ILE A 34 -5.05 -15.94 18.08
CA ILE A 34 -5.87 -15.54 16.95
C ILE A 34 -7.30 -15.24 17.40
N THR A 35 -7.86 -16.14 18.19
CA THR A 35 -9.16 -15.94 18.80
C THR A 35 -9.19 -14.66 19.64
N ASP A 36 -8.15 -14.44 20.42
CA ASP A 36 -8.07 -13.25 21.25
C ASP A 36 -8.09 -11.98 20.40
N VAL A 37 -7.25 -11.96 19.38
CA VAL A 37 -7.13 -10.78 18.51
C VAL A 37 -8.44 -10.41 17.79
N ILE A 38 -9.11 -11.41 17.24
CA ILE A 38 -10.37 -11.15 16.58
C ILE A 38 -11.32 -10.55 17.62
N GLY A 39 -11.51 -11.22 18.75
CA GLY A 39 -12.41 -10.72 19.77
C GLY A 39 -12.08 -9.29 20.12
N ARG A 40 -10.79 -9.03 20.34
CA ARG A 40 -10.36 -7.71 20.74
C ARG A 40 -10.71 -6.69 19.70
N TYR A 41 -10.48 -6.97 18.43
CA TYR A 41 -10.83 -6.00 17.38
C TYR A 41 -12.33 -5.64 17.36
N HIS A 42 -13.22 -6.63 17.51
CA HIS A 42 -14.66 -6.34 17.55
C HIS A 42 -15.07 -5.56 18.79
N ARG A 43 -14.34 -5.76 19.88
CA ARG A 43 -14.59 -4.96 21.07
C ARG A 43 -14.22 -3.51 20.83
N VAL A 44 -13.14 -3.22 20.11
CA VAL A 44 -12.77 -1.82 19.86
C VAL A 44 -13.68 -1.17 18.82
N LYS A 45 -14.34 -1.96 17.97
CA LYS A 45 -15.43 -1.45 17.14
C LYS A 45 -16.68 -1.16 17.96
N GLY A 46 -16.64 -1.55 19.24
CA GLY A 46 -17.72 -1.30 20.17
C GLY A 46 -18.82 -2.35 20.14
N GLU A 47 -18.51 -3.55 19.65
CA GLU A 47 -19.46 -4.65 19.60
C GLU A 47 -19.45 -5.45 20.90
N ARG A 48 -20.57 -6.10 21.19
CA ARG A 48 -20.59 -7.14 22.21
C ARG A 48 -19.82 -8.37 21.73
N VAL A 49 -18.96 -8.91 22.59
CA VAL A 49 -18.14 -10.04 22.19
C VAL A 49 -18.20 -11.15 23.23
N PHE A 50 -18.10 -12.38 22.76
CA PHE A 50 -17.90 -13.50 23.64
C PHE A 50 -16.85 -14.39 23.02
N ALA A 51 -15.66 -14.40 23.60
CA ALA A 51 -14.57 -15.24 23.13
C ALA A 51 -14.43 -16.47 24.03
N LEU A 52 -14.26 -17.62 23.41
CA LEU A 52 -14.28 -18.89 24.10
C LEU A 52 -13.00 -19.66 23.81
N THR A 53 -12.45 -20.30 24.84
CA THR A 53 -11.32 -21.23 24.67
C THR A 53 -11.53 -22.31 25.72
N GLY A 54 -10.71 -23.35 25.68
CA GLY A 54 -10.85 -24.41 26.67
C GLY A 54 -10.04 -25.67 26.43
N THR A 55 -10.43 -26.72 27.13
CA THR A 55 -9.71 -27.99 27.12
C THR A 55 -10.64 -29.15 26.80
N ASP A 56 -10.10 -30.11 26.06
CA ASP A 56 -10.82 -31.28 25.60
C ASP A 56 -10.33 -32.42 26.48
N GLU A 57 -11.16 -32.88 27.41
CA GLU A 57 -10.66 -33.67 28.53
C GLU A 57 -11.01 -35.15 28.54
N HIS A 58 -11.99 -35.56 27.74
CA HIS A 58 -12.37 -36.97 27.67
C HIS A 58 -11.55 -37.73 26.62
N GLY A 59 -11.88 -39.00 26.46
CA GLY A 59 -11.33 -39.83 25.38
C GLY A 59 -10.22 -40.78 25.78
N GLN A 60 -9.89 -41.65 24.82
CA GLN A 60 -8.89 -42.68 25.00
C GLN A 60 -7.49 -42.07 25.09
N LYS A 61 -7.24 -41.13 24.20
CA LYS A 61 -5.96 -40.41 24.17
C LYS A 61 -5.59 -39.87 25.55
N VAL A 62 -6.50 -39.09 26.15
CA VAL A 62 -6.25 -38.46 27.45
C VAL A 62 -6.23 -39.49 28.56
N ALA A 63 -7.16 -40.44 28.51
CA ALA A 63 -7.22 -41.49 29.53
C ALA A 63 -5.91 -42.26 29.56
N GLU A 64 -5.35 -42.53 28.39
CA GLU A 64 -4.11 -43.31 28.29
C GLU A 64 -2.88 -42.51 28.66
N ALA A 65 -2.91 -41.20 28.42
CA ALA A 65 -1.84 -40.32 28.92
C ALA A 65 -1.86 -40.26 30.46
N ALA A 66 -3.04 -40.30 31.04
CA ALA A 66 -3.20 -40.29 32.48
C ALA A 66 -2.70 -41.60 33.08
N LYS A 67 -2.89 -42.69 32.34
CA LYS A 67 -2.43 -44.00 32.78
C LYS A 67 -0.90 -44.05 32.77
N GLN A 68 -0.29 -43.52 31.71
CA GLN A 68 1.17 -43.43 31.60
C GLN A 68 1.81 -42.71 32.79
N LYS A 69 1.19 -41.63 33.27
CA LYS A 69 1.70 -40.90 34.44
C LYS A 69 1.25 -41.52 35.76
N GLN A 70 0.53 -42.64 35.69
CA GLN A 70 0.14 -43.39 36.88
C GLN A 70 -0.77 -42.54 37.77
N VAL A 71 -1.79 -41.93 37.17
CA VAL A 71 -2.72 -41.04 37.89
C VAL A 71 -4.17 -41.26 37.42
N SER A 72 -5.12 -40.91 38.29
CA SER A 72 -6.55 -40.95 37.93
C SER A 72 -6.89 -39.89 36.90
N PRO A 73 -7.76 -40.23 35.94
CA PRO A 73 -8.15 -39.25 34.92
C PRO A 73 -8.61 -37.92 35.50
N TYR A 74 -9.42 -37.96 36.56
CA TYR A 74 -9.95 -36.73 37.19
C TYR A 74 -8.82 -35.81 37.63
N ASP A 75 -7.80 -36.37 38.26
CA ASP A 75 -6.69 -35.56 38.78
C ASP A 75 -5.76 -35.07 37.70
N PHE A 76 -5.54 -35.90 36.70
CA PHE A 76 -4.69 -35.56 35.58
C PHE A 76 -5.31 -34.42 34.77
N THR A 77 -6.57 -34.58 34.38
CA THR A 77 -7.24 -33.57 33.57
C THR A 77 -7.32 -32.25 34.31
N THR A 78 -7.59 -32.29 35.60
CA THR A 78 -7.68 -31.08 36.43
C THR A 78 -6.31 -30.38 36.51
N ALA A 79 -5.24 -31.16 36.69
CA ALA A 79 -3.89 -30.61 36.75
C ALA A 79 -3.48 -29.93 35.44
N VAL A 80 -3.68 -30.63 34.32
CA VAL A 80 -3.24 -30.12 33.02
C VAL A 80 -4.13 -28.93 32.62
N ALA A 81 -5.43 -29.04 32.86
CA ALA A 81 -6.33 -27.92 32.63
C ALA A 81 -5.88 -26.70 33.44
N GLY A 82 -5.51 -26.92 34.70
CA GLY A 82 -4.89 -25.87 35.50
C GLY A 82 -3.69 -25.22 34.82
N GLU A 83 -2.86 -26.03 34.15
CA GLU A 83 -1.69 -25.53 33.42
C GLU A 83 -2.05 -24.71 32.18
N PHE A 84 -3.10 -25.10 31.47
CA PHE A 84 -3.59 -24.31 30.34
C PHE A 84 -4.08 -22.93 30.80
N LYS A 85 -4.86 -22.89 31.88
CA LYS A 85 -5.37 -21.62 32.43
C LYS A 85 -4.26 -20.69 32.86
N LYS A 86 -3.28 -21.24 33.56
CA LYS A 86 -2.12 -20.48 34.01
C LYS A 86 -1.38 -19.87 32.82
N CAS A 87 -1.13 -20.70 31.81
CA CAS A 87 -0.46 -20.29 30.58
CB CAS A 87 -0.30 -21.51 29.67
C CAS A 87 -1.21 -19.17 29.90
O CAS A 87 -0.63 -18.16 29.53
SG CAS A 87 0.45 -21.14 28.11
AS CAS A 87 2.65 -21.23 28.47
CE1 CAS A 87 3.06 -21.63 30.38
CE2 CAS A 87 3.47 -22.64 27.33
N PHE A 88 -2.53 -19.34 29.74
CA PHE A 88 -3.31 -18.34 29.05
C PHE A 88 -3.42 -17.05 29.85
N GLU A 89 -3.46 -17.15 31.18
CA GLU A 89 -3.48 -15.96 32.02
C GLU A 89 -2.17 -15.24 31.87
N GLN A 90 -1.07 -15.97 31.93
CA GLN A 90 0.25 -15.38 31.80
C GLN A 90 0.45 -14.73 30.41
N MET A 91 -0.16 -15.32 29.39
CA MET A 91 -0.07 -14.79 28.04
C MET A 91 -0.84 -13.50 27.86
N ASP A 92 -1.71 -13.18 28.82
CA ASP A 92 -2.39 -11.88 28.88
C ASP A 92 -3.38 -11.70 27.74
N TYR A 93 -4.24 -12.69 27.58
CA TYR A 93 -5.36 -12.62 26.64
C TYR A 93 -6.55 -11.90 27.28
N SER A 94 -7.64 -11.75 26.52
CA SER A 94 -8.90 -11.27 27.07
C SER A 94 -10.02 -12.24 26.67
N ILE A 95 -9.92 -13.48 27.15
CA ILE A 95 -10.91 -14.51 26.87
C ILE A 95 -12.08 -14.40 27.86
N ASP A 96 -13.30 -14.57 27.37
CA ASP A 96 -14.47 -14.40 28.22
C ASP A 96 -14.77 -15.64 29.05
N TYR A 97 -14.44 -16.83 28.54
CA TYR A 97 -14.66 -18.04 29.32
C TYR A 97 -13.76 -19.20 28.89
N PHE A 98 -13.37 -19.99 29.87
CA PHE A 98 -12.53 -21.17 29.68
C PHE A 98 -13.37 -22.42 30.00
N ILE A 99 -13.69 -23.21 28.97
CA ILE A 99 -14.60 -24.33 29.14
C ILE A 99 -13.84 -25.63 29.20
N ARG A 100 -14.34 -26.55 30.03
CA ARG A 100 -13.78 -27.88 30.22
C ARG A 100 -14.88 -28.87 29.91
N THR A 101 -14.56 -29.87 29.10
CA THR A 101 -15.58 -30.85 28.73
C THR A 101 -15.99 -31.77 29.86
N THR A 102 -15.28 -31.74 30.98
CA THR A 102 -15.71 -32.42 32.20
C THR A 102 -16.78 -31.65 32.95
N ASN A 103 -17.02 -30.40 32.59
CA ASN A 103 -18.09 -29.62 33.20
C ASN A 103 -19.43 -30.34 33.08
N GLU A 104 -20.18 -30.30 34.16
CA GLU A 104 -21.42 -31.02 34.27
C GLU A 104 -22.51 -30.44 33.36
N GLN A 105 -22.47 -29.12 33.12
CA GLN A 105 -23.46 -28.46 32.25
C GLN A 105 -23.18 -28.80 30.80
N HIS A 106 -21.90 -28.92 30.46
CA HIS A 106 -21.49 -29.39 29.14
C HIS A 106 -22.01 -30.79 28.84
N LYS A 107 -21.90 -31.64 29.83
CA LYS A 107 -22.37 -33.02 29.73
C LYS A 107 -23.87 -33.01 29.41
N ALA A 108 -24.62 -32.12 30.05
CA ALA A 108 -26.07 -32.01 29.79
C ALA A 108 -26.38 -31.58 28.36
N VAL A 109 -25.59 -30.65 27.84
CA VAL A 109 -25.76 -30.15 26.48
C VAL A 109 -25.44 -31.25 25.46
N VAL A 110 -24.41 -32.04 25.72
CA VAL A 110 -24.08 -33.14 24.83
C VAL A 110 -25.25 -34.11 24.76
N LYS A 111 -25.87 -34.41 25.90
CA LYS A 111 -27.01 -35.33 25.90
C LYS A 111 -28.24 -34.76 25.21
N GLU A 112 -28.45 -33.46 25.34
CA GLU A 112 -29.54 -32.81 24.62
C GLU A 112 -29.32 -32.88 23.12
N LEU A 113 -28.08 -32.65 22.67
CA LEU A 113 -27.79 -32.64 21.24
C LEU A 113 -27.90 -34.05 20.68
N TRP A 114 -27.42 -35.03 21.42
CA TRP A 114 -27.52 -36.41 20.98
C TRP A 114 -28.99 -36.83 20.78
N THR A 115 -29.83 -36.48 21.75
CA THR A 115 -31.25 -36.82 21.72
C THR A 115 -31.90 -36.22 20.47
N LYS A 116 -31.50 -35.00 20.12
CA LYS A 116 -31.99 -34.37 18.89
C LYS A 116 -31.59 -35.15 17.65
N LEU A 117 -30.32 -35.55 17.58
CA LEU A 117 -29.87 -36.32 16.46
C LEU A 117 -30.66 -37.63 16.34
N GLU A 118 -30.95 -38.25 17.48
CA GLU A 118 -31.63 -39.54 17.49
C GLU A 118 -33.07 -39.39 17.09
N GLN A 119 -33.74 -38.39 17.65
CA GLN A 119 -35.14 -38.13 17.32
C GLN A 119 -35.35 -37.78 15.87
N LYS A 120 -34.36 -37.13 15.27
CA LYS A 120 -34.39 -36.80 13.86
C LYS A 120 -34.24 -38.03 12.97
N GLY A 121 -33.81 -39.15 13.54
CA GLY A 121 -33.64 -40.39 12.81
C GLY A 121 -32.25 -40.51 12.22
N ASP A 122 -31.31 -39.69 12.68
CA ASP A 122 -29.98 -39.67 12.09
C ASP A 122 -28.92 -40.49 12.83
N ILE A 123 -29.36 -41.27 13.82
CA ILE A 123 -28.47 -42.20 14.52
C ILE A 123 -29.04 -43.62 14.57
N TYR A 124 -28.25 -44.59 14.10
CA TYR A 124 -28.65 -46.00 14.11
C TYR A 124 -27.51 -46.84 14.65
N LEU A 125 -27.83 -48.05 15.07
CA LEU A 125 -26.82 -48.97 15.56
C LEU A 125 -26.20 -49.70 14.39
N GLY A 126 -24.88 -49.58 14.27
CA GLY A 126 -24.11 -50.29 13.26
C GLY A 126 -22.74 -50.74 13.75
N ARG A 127 -21.80 -50.85 12.81
CA ARG A 127 -20.45 -51.32 13.09
C ARG A 127 -19.42 -50.40 12.42
N TYR A 128 -18.35 -50.10 13.11
CA TYR A 128 -17.18 -49.57 12.45
C TYR A 128 -16.13 -50.67 12.45
N GLU A 129 -15.70 -51.05 11.26
CA GLU A 129 -14.55 -51.92 11.06
C GLU A 129 -13.57 -51.16 10.17
N GLY A 130 -12.52 -50.63 10.77
CA GLY A 130 -11.55 -49.87 10.00
C GLY A 130 -10.47 -49.26 10.86
N TRP A 131 -9.66 -48.41 10.25
CA TRP A 131 -8.53 -47.80 10.94
C TRP A 131 -8.94 -46.64 11.82
N TYR A 132 -8.15 -46.39 12.86
CA TYR A 132 -8.42 -45.30 13.79
C TYR A 132 -7.12 -44.81 14.38
N SER A 133 -6.91 -43.49 14.38
CA SER A 133 -5.74 -42.88 15.03
C SER A 133 -6.14 -42.32 16.38
N ILE A 134 -5.62 -42.93 17.43
CA ILE A 134 -6.01 -42.57 18.79
C ILE A 134 -5.51 -41.18 19.13
N SER A 135 -4.27 -40.91 18.74
CA SER A 135 -3.68 -39.60 18.96
C SER A 135 -4.49 -38.47 18.31
N ASP A 136 -5.06 -38.72 17.14
CA ASP A 136 -5.92 -37.72 16.48
C ASP A 136 -7.39 -37.92 16.80
N GLU A 137 -7.72 -39.00 17.51
CA GLU A 137 -9.11 -39.48 17.70
C GLU A 137 -9.90 -39.46 16.39
N SER A 138 -9.30 -40.01 15.34
CA SER A 138 -9.80 -39.84 13.98
C SER A 138 -9.97 -41.16 13.24
N PHE A 139 -11.13 -41.35 12.62
CA PHE A 139 -11.36 -42.49 11.74
C PHE A 139 -10.67 -42.26 10.42
N LEU A 140 -10.05 -43.29 9.87
CA LEU A 140 -9.32 -43.15 8.62
C LEU A 140 -9.58 -44.29 7.66
N THR A 141 -9.63 -43.98 6.36
CA THR A 141 -9.78 -44.99 5.32
C THR A 141 -8.41 -45.57 4.99
N PRO A 142 -8.37 -46.75 4.34
CA PRO A 142 -7.07 -47.36 4.03
C PRO A 142 -6.19 -46.48 3.13
N GLN A 143 -6.82 -45.63 2.33
CA GLN A 143 -6.08 -44.68 1.49
C GLN A 143 -5.36 -43.63 2.35
N ASN A 144 -5.67 -43.54 3.64
CA ASN A 144 -5.10 -42.48 4.48
C ASN A 144 -4.09 -42.95 5.51
N ILE A 145 -3.54 -44.15 5.30
CA ILE A 145 -2.52 -44.70 6.18
C ILE A 145 -1.40 -45.23 5.31
N THR A 146 -0.27 -45.54 5.93
CA THR A 146 0.91 -46.05 5.25
C THR A 146 1.77 -46.77 6.27
N ASP A 147 2.92 -47.27 5.84
CA ASP A 147 3.83 -47.99 6.71
C ASP A 147 4.73 -47.05 7.49
N GLY A 148 5.03 -47.42 8.74
CA GLY A 148 5.92 -46.61 9.59
C GLY A 148 6.41 -47.39 10.80
N VAL A 149 6.81 -46.67 11.84
CA VAL A 149 7.41 -47.30 13.03
C VAL A 149 6.82 -46.77 14.35
N ASP A 150 6.52 -47.68 15.27
CA ASP A 150 6.05 -47.34 16.63
C ASP A 150 7.25 -47.00 17.54
N LYS A 151 7.00 -46.69 18.81
CA LYS A 151 8.08 -46.37 19.76
C LYS A 151 8.99 -47.56 20.14
N ASP A 152 8.59 -48.78 19.77
CA ASP A 152 9.43 -49.98 19.93
C ASP A 152 10.45 -50.18 18.80
N GLY A 153 10.22 -49.54 17.65
CA GLY A 153 11.05 -49.74 16.46
C GLY A 153 10.43 -50.75 15.49
N ASN A 154 9.38 -51.44 15.92
CA ASN A 154 8.70 -52.42 15.07
C ASN A 154 7.95 -51.77 13.91
N PRO A 155 7.74 -52.52 12.81
CA PRO A 155 6.88 -52.00 11.76
C PRO A 155 5.45 -51.87 12.26
N CYS A 156 4.79 -50.78 11.89
CA CYS A 156 3.37 -50.57 12.17
C CYS A 156 2.76 -49.74 11.05
N LYS A 157 1.48 -49.43 11.19
CA LYS A 157 0.81 -48.53 10.28
C LYS A 157 0.68 -47.17 10.93
N VAL A 158 0.82 -46.12 10.12
CA VAL A 158 0.68 -44.74 10.60
C VAL A 158 -0.27 -43.92 9.73
N SER A 159 -0.81 -42.85 10.31
CA SER A 159 -1.69 -41.94 9.59
C SER A 159 -0.89 -41.11 8.61
N LEU A 160 -1.38 -41.03 7.38
CA LEU A 160 -0.79 -40.11 6.39
C LEU A 160 -0.98 -38.67 6.84
N GLU A 161 -2.15 -38.36 7.39
CA GLU A 161 -2.42 -37.03 7.90
C GLU A 161 -1.32 -36.58 8.87
N SER A 162 -1.05 -37.38 9.89
CA SER A 162 -0.33 -36.90 11.08
C SER A 162 0.89 -37.69 11.48
N GLY A 163 1.09 -38.88 10.90
CA GLY A 163 2.24 -39.72 11.20
C GLY A 163 2.10 -40.56 12.46
N HIS A 164 0.96 -40.44 13.13
CA HIS A 164 0.73 -41.17 14.37
C HIS A 164 0.32 -42.61 14.10
N VAL A 165 0.55 -43.46 15.08
CA VAL A 165 0.25 -44.87 14.95
C VAL A 165 -1.25 -45.08 14.81
N VAL A 166 -1.64 -45.91 13.84
CA VAL A 166 -3.04 -46.28 13.67
C VAL A 166 -3.28 -47.74 14.08
N THR A 167 -4.56 -48.07 14.22
CA THR A 167 -4.96 -49.27 14.89
C THR A 167 -6.34 -49.68 14.36
N TRP A 168 -6.57 -50.97 14.17
CA TRP A 168 -7.78 -51.47 13.52
C TRP A 168 -8.86 -51.70 14.55
N VAL A 169 -10.03 -51.10 14.34
CA VAL A 169 -11.13 -51.15 15.27
C VAL A 169 -12.26 -51.95 14.63
N SER A 170 -12.85 -52.85 15.40
CA SER A 170 -14.04 -53.57 14.96
C SER A 170 -15.05 -53.61 16.08
N GLU A 171 -16.05 -52.75 16.00
CA GLU A 171 -16.94 -52.49 17.12
C GLU A 171 -18.34 -52.20 16.66
N GLU A 172 -19.30 -52.68 17.41
CA GLU A 172 -20.69 -52.26 17.26
C GLU A 172 -20.77 -50.84 17.85
N ASN A 173 -21.13 -49.86 17.02
CA ASN A 173 -21.17 -48.45 17.40
C ASN A 173 -22.47 -47.83 16.90
N TYR A 174 -22.94 -46.78 17.59
CA TYR A 174 -23.95 -45.91 17.03
C TYR A 174 -23.31 -45.11 15.91
N MET A 175 -24.00 -45.09 14.78
CA MET A 175 -23.55 -44.44 13.58
C MET A 175 -24.41 -43.23 13.27
N PHE A 176 -23.76 -42.12 12.93
CA PHE A 176 -24.45 -40.92 12.43
C PHE A 176 -24.50 -40.94 10.90
N ARG A 177 -25.68 -40.59 10.36
CA ARG A 177 -25.92 -40.64 8.92
C ARG A 177 -25.28 -39.49 8.13
N LEU A 178 -23.96 -39.39 8.18
CA LEU A 178 -23.26 -38.30 7.50
C LEU A 178 -23.43 -38.38 5.97
N SER A 179 -23.46 -39.60 5.44
CA SER A 179 -23.70 -39.80 4.02
C SER A 179 -24.93 -39.06 3.50
N ALA A 180 -25.95 -38.90 4.36
CA ALA A 180 -27.19 -38.23 3.98
C ALA A 180 -27.09 -36.71 3.88
N PHE A 181 -25.96 -36.14 4.31
CA PHE A 181 -25.79 -34.68 4.36
C PHE A 181 -24.86 -34.12 3.29
N ARG A 182 -24.39 -34.97 2.38
CA ARG A 182 -23.54 -34.55 1.28
C ARG A 182 -24.14 -33.39 0.47
N GLU A 183 -25.32 -33.59 -0.06
CA GLU A 183 -25.94 -32.61 -0.93
C GLU A 183 -26.12 -31.27 -0.19
N ARG A 184 -26.58 -31.33 1.06
CA ARG A 184 -26.84 -30.12 1.86
C ARG A 184 -25.60 -29.33 2.25
N LEU A 185 -24.50 -30.04 2.53
CA LEU A 185 -23.23 -29.40 2.86
C LEU A 185 -22.64 -28.70 1.65
N LEU A 186 -22.74 -29.34 0.48
CA LEU A 186 -22.29 -28.74 -0.78
C LEU A 186 -23.06 -27.44 -1.11
N GLU A 187 -24.38 -27.46 -0.90
CA GLU A 187 -25.20 -26.26 -1.06
C GLU A 187 -24.63 -25.17 -0.17
N TRP A 188 -24.37 -25.53 1.08
CA TRP A 188 -23.89 -24.57 2.08
C TRP A 188 -22.55 -23.93 1.67
N TYR A 189 -21.60 -24.75 1.22
CA TYR A 189 -20.30 -24.24 0.78
C TYR A 189 -20.47 -23.25 -0.38
N HIS A 190 -21.30 -23.63 -1.34
CA HIS A 190 -21.49 -22.85 -2.58
CA HIS A 190 -21.41 -22.82 -2.54
C HIS A 190 -22.20 -21.54 -2.28
N ALA A 191 -23.18 -21.61 -1.39
CA ALA A 191 -24.00 -20.44 -1.05
C ALA A 191 -23.25 -19.46 -0.18
N ASN A 192 -22.25 -19.93 0.56
CA ASN A 192 -21.46 -19.05 1.41
C ASN A 192 -19.99 -19.26 1.12
N PRO A 193 -19.51 -18.66 0.01
CA PRO A 193 -18.15 -18.91 -0.43
C PRO A 193 -17.06 -18.29 0.45
N GLY A 194 -17.44 -17.58 1.50
CA GLY A 194 -16.46 -17.10 2.48
C GLY A 194 -16.48 -17.88 3.79
N CYS A 195 -17.21 -18.99 3.86
CA CYS A 195 -17.45 -19.67 5.11
C CYS A 195 -16.23 -20.42 5.61
N ILE A 196 -15.32 -20.78 4.72
CA ILE A 196 -14.08 -21.42 5.12
C ILE A 196 -12.93 -20.59 4.60
N VAL A 197 -11.94 -20.33 5.45
CA VAL A 197 -10.79 -19.51 5.10
C VAL A 197 -9.52 -20.20 5.55
N PRO A 198 -8.45 -20.16 4.75
CA PRO A 198 -8.32 -19.53 3.45
C PRO A 198 -8.95 -20.33 2.35
N GLU A 199 -9.08 -19.70 1.20
CA GLU A 199 -9.84 -20.23 0.07
C GLU A 199 -9.43 -21.63 -0.37
N PHE A 200 -8.13 -21.92 -0.39
CA PHE A 200 -7.69 -23.24 -0.83
C PHE A 200 -8.09 -24.38 0.13
N ARG A 201 -8.25 -24.08 1.42
CA ARG A 201 -8.76 -25.05 2.39
C ARG A 201 -10.24 -25.25 2.14
N ARG A 202 -10.92 -24.17 1.79
CA ARG A 202 -12.30 -24.28 1.36
C ARG A 202 -12.42 -25.22 0.16
N ARG A 203 -11.50 -25.12 -0.79
CA ARG A 203 -11.54 -25.97 -1.98
C ARG A 203 -11.27 -27.46 -1.65
N GLU A 204 -10.37 -27.70 -0.69
CA GLU A 204 -10.11 -29.06 -0.20
C GLU A 204 -11.39 -29.69 0.34
N VAL A 205 -12.10 -28.94 1.19
CA VAL A 205 -13.28 -29.46 1.84
C VAL A 205 -14.32 -29.88 0.83
N ILE A 206 -14.55 -29.05 -0.18
CA ILE A 206 -15.54 -29.35 -1.23
C ILE A 206 -15.13 -30.58 -2.03
N ARG A 207 -13.88 -30.63 -2.47
CA ARG A 207 -13.31 -31.81 -3.14
C ARG A 207 -13.58 -33.08 -2.35
N ALA A 208 -13.39 -33.02 -1.03
CA ALA A 208 -13.56 -34.21 -0.19
C ALA A 208 -15.02 -34.64 -0.12
N VAL A 209 -15.92 -33.67 0.01
CA VAL A 209 -17.33 -33.95 0.13
C VAL A 209 -17.91 -34.32 -1.23
N GLU A 210 -17.39 -33.73 -2.30
CA GLU A 210 -17.74 -34.16 -3.67
C GLU A 210 -17.53 -35.66 -3.87
N LYS A 211 -16.38 -36.17 -3.42
CA LYS A 211 -16.04 -37.58 -3.56
C LYS A 211 -17.02 -38.52 -2.87
N GLY A 212 -17.70 -38.04 -1.83
CA GLY A 212 -18.76 -38.81 -1.16
C GLY A 212 -18.43 -38.98 0.30
N LEU A 213 -19.45 -39.16 1.14
CA LEU A 213 -19.24 -39.28 2.59
C LEU A 213 -19.75 -40.59 3.13
N PRO A 214 -18.94 -41.26 3.96
CA PRO A 214 -19.45 -42.41 4.69
C PRO A 214 -20.15 -41.95 5.96
N ASP A 215 -20.85 -42.86 6.59
CA ASP A 215 -21.44 -42.60 7.91
C ASP A 215 -20.36 -42.61 8.95
N LEU A 216 -20.64 -41.96 10.06
CA LEU A 216 -19.62 -41.67 11.03
C LEU A 216 -20.00 -42.31 12.35
N SER A 217 -19.03 -42.98 12.95
CA SER A 217 -19.24 -43.58 14.26
C SER A 217 -19.26 -42.49 15.34
N VAL A 218 -20.36 -42.42 16.09
CA VAL A 218 -20.51 -41.41 17.13
C VAL A 218 -20.50 -42.00 18.54
N SER A 219 -20.37 -43.33 18.65
CA SER A 219 -20.17 -43.97 19.94
C SER A 219 -19.06 -45.01 19.90
N ARG A 220 -18.58 -45.39 21.08
CA ARG A 220 -17.58 -46.43 21.22
C ARG A 220 -17.92 -47.27 22.44
N ALA A 221 -17.53 -48.54 22.42
CA ALA A 221 -17.75 -49.40 23.58
C ALA A 221 -16.97 -48.80 24.75
N ARG A 222 -17.58 -48.82 25.93
CA ARG A 222 -17.04 -48.12 27.11
C ARG A 222 -15.65 -48.59 27.55
N ALA A 223 -15.39 -49.88 27.43
CA ALA A 223 -14.09 -50.43 27.80
C ALA A 223 -12.97 -49.82 26.95
N THR A 224 -13.20 -49.66 25.65
CA THR A 224 -12.19 -49.08 24.79
C THR A 224 -11.75 -47.70 25.30
N LEU A 225 -12.68 -46.97 25.91
CA LEU A 225 -12.41 -45.62 26.45
C LEU A 225 -12.02 -45.57 27.93
N HIS A 226 -11.81 -46.73 28.55
CA HIS A 226 -11.45 -46.78 29.98
C HIS A 226 -12.49 -46.01 30.82
N ASN A 227 -13.74 -46.14 30.39
CA ASN A 227 -14.86 -45.44 31.00
C ASN A 227 -14.59 -43.95 31.33
N TRP A 228 -13.88 -43.28 30.41
CA TRP A 228 -13.56 -41.86 30.55
C TRP A 228 -14.15 -41.08 29.39
N ALA A 229 -15.46 -40.86 29.48
CA ALA A 229 -16.28 -40.32 28.39
C ALA A 229 -17.72 -40.06 28.87
N ILE A 230 -18.55 -39.48 28.01
CA ILE A 230 -19.92 -39.16 28.36
C ILE A 230 -20.86 -40.28 27.91
N PRO A 231 -21.66 -40.85 28.83
CA PRO A 231 -22.52 -41.97 28.41
C PRO A 231 -23.52 -41.62 27.36
N VAL A 232 -23.73 -42.54 26.42
CA VAL A 232 -24.81 -42.42 25.45
C VAL A 232 -26.12 -42.48 26.23
N PRO A 233 -26.98 -41.47 26.06
CA PRO A 233 -28.34 -41.50 26.63
C PRO A 233 -29.09 -42.76 26.20
N GLY A 234 -29.59 -43.50 27.18
CA GLY A 234 -30.32 -44.72 26.92
C GLY A 234 -29.45 -45.95 26.67
N ASN A 235 -28.12 -45.80 26.71
CA ASN A 235 -27.24 -46.94 26.56
C ASN A 235 -25.91 -46.80 27.31
N PRO A 236 -25.89 -47.25 28.59
CA PRO A 236 -24.68 -47.15 29.44
C PRO A 236 -23.48 -47.98 28.96
N ASP A 237 -23.67 -48.88 28.01
CA ASP A 237 -22.56 -49.66 27.46
C ASP A 237 -21.72 -48.85 26.49
N HIS A 238 -22.31 -47.80 25.92
CA HIS A 238 -21.63 -46.93 24.94
C HIS A 238 -21.22 -45.59 25.51
N CAS A 239 -20.18 -45.00 24.94
CA CAS A 239 -19.85 -43.61 25.20
CB CAS A 239 -18.44 -43.42 25.75
C CAS A 239 -19.92 -42.81 23.95
O CAS A 239 -19.74 -43.33 22.85
SG CAS A 239 -17.92 -44.66 26.89
AS CAS A 239 -18.80 -44.16 28.85
CE1 CAS A 239 -17.35 -43.50 30.03
CE2 CAS A 239 -20.07 -42.73 28.71
N VAL A 240 -20.18 -41.51 24.09
CA VAL A 240 -20.24 -40.60 22.95
C VAL A 240 -18.84 -40.33 22.40
N TYR A 241 -18.68 -40.48 21.07
CA TYR A 241 -17.47 -40.10 20.37
C TYR A 241 -16.93 -38.80 20.94
N VAL A 242 -15.66 -38.82 21.36
CA VAL A 242 -15.05 -37.64 21.94
C VAL A 242 -15.20 -36.43 21.04
N TRP A 243 -15.19 -36.60 19.73
CA TRP A 243 -15.32 -35.43 18.85
C TRP A 243 -16.70 -34.80 18.86
N LEU A 244 -17.75 -35.62 18.96
CA LEU A 244 -19.11 -35.09 19.01
C LEU A 244 -19.25 -34.34 20.31
N ASP A 245 -18.74 -34.95 21.39
CA ASP A 245 -18.59 -34.32 22.72
C ASP A 245 -17.82 -32.99 22.62
N ALA A 246 -16.64 -33.02 22.00
CA ALA A 246 -15.79 -31.82 21.94
C ALA A 246 -16.44 -30.66 21.15
N LEU A 247 -16.90 -30.95 19.93
CA LEU A 247 -17.50 -29.93 19.09
C LEU A 247 -18.65 -29.24 19.82
N THR A 248 -19.39 -30.02 20.60
CA THR A 248 -20.51 -29.49 21.34
C THR A 248 -20.10 -28.37 22.32
N ASN A 249 -18.81 -28.21 22.63
CA ASN A 249 -18.41 -27.15 23.56
C ASN A 249 -18.81 -25.76 23.07
N TYR A 250 -18.91 -25.60 21.76
CA TYR A 250 -19.21 -24.30 21.20
C TYR A 250 -20.63 -23.91 21.59
N LEU A 251 -21.52 -24.88 21.46
CA LEU A 251 -22.92 -24.74 21.84
C LEU A 251 -23.09 -24.56 23.35
N THR A 252 -22.40 -25.38 24.11
CA THR A 252 -22.40 -25.24 25.56
C THR A 252 -21.93 -23.83 25.96
N GLY A 253 -20.81 -23.41 25.40
CA GLY A 253 -20.30 -22.08 25.69
C GLY A 253 -21.31 -20.99 25.39
N SER A 254 -22.04 -21.17 24.29
CA SER A 254 -22.99 -20.16 23.91
C SER A 254 -24.18 -20.08 24.87
N ARG A 255 -24.34 -21.10 25.74
CA ARG A 255 -25.51 -21.20 26.65
C ARG A 255 -25.19 -20.98 28.12
N LEU A 256 -23.94 -20.64 28.43
CA LEU A 256 -23.54 -20.43 29.80
C LEU A 256 -23.61 -18.97 30.20
N ARG A 257 -24.24 -18.69 31.32
CA ARG A 257 -24.12 -17.38 31.99
C ARG A 257 -22.90 -17.43 32.88
N VAL A 258 -22.07 -16.39 32.78
CA VAL A 258 -20.76 -16.34 33.44
C VAL A 258 -20.68 -15.10 34.35
N ASP A 259 -20.34 -15.30 35.62
CA ASP A 259 -20.14 -14.16 36.55
C ASP A 259 -18.84 -13.40 36.28
N GLU A 260 -18.67 -12.26 36.93
CA GLU A 260 -17.47 -11.41 36.72
C GLU A 260 -16.15 -12.12 37.07
N SER A 261 -16.21 -13.11 37.95
CA SER A 261 -15.06 -13.96 38.25
C SER A 261 -14.68 -14.93 37.10
N GLY A 262 -15.55 -15.05 36.10
CA GLY A 262 -15.29 -15.94 34.96
C GLY A 262 -15.75 -17.37 35.20
N LYS A 263 -16.60 -17.55 36.22
CA LYS A 263 -17.13 -18.86 36.54
C LYS A 263 -18.53 -19.00 35.97
N GLU A 264 -18.80 -20.15 35.36
CA GLU A 264 -20.12 -20.48 34.85
C GLU A 264 -21.07 -20.60 36.02
N VAL A 265 -22.19 -19.90 35.96
CA VAL A 265 -23.13 -19.94 37.06
C VAL A 265 -24.50 -20.49 36.65
N SER A 266 -24.71 -20.73 35.36
CA SER A 266 -26.03 -21.16 34.89
C SER A 266 -26.01 -21.59 33.43
N LEU A 267 -26.85 -22.56 33.09
CA LEU A 267 -27.02 -23.02 31.74
C LEU A 267 -28.43 -22.72 31.28
N VAL A 268 -28.59 -21.90 30.25
CA VAL A 268 -29.92 -21.61 29.70
C VAL A 268 -30.40 -22.69 28.73
N ASP A 269 -31.71 -22.86 28.64
CA ASP A 269 -32.33 -23.89 27.79
C ASP A 269 -32.22 -23.58 26.31
N ASP A 270 -32.37 -22.31 25.97
CA ASP A 270 -32.46 -21.84 24.60
C ASP A 270 -31.30 -20.87 24.35
N PHE A 271 -30.41 -21.23 23.42
CA PHE A 271 -29.22 -20.43 23.11
C PHE A 271 -29.56 -18.98 22.74
N ASN A 272 -30.72 -18.76 22.13
CA ASN A 272 -31.13 -17.41 21.74
C ASN A 272 -31.10 -16.44 22.90
N GLU A 273 -31.44 -16.94 24.08
CA GLU A 273 -31.46 -16.16 25.30
C GLU A 273 -30.16 -15.36 25.51
N LEU A 274 -29.02 -15.94 25.14
CA LEU A 274 -27.72 -15.25 25.28
C LEU A 274 -27.19 -14.62 23.99
N GLU A 275 -27.79 -14.95 22.85
CA GLU A 275 -27.52 -14.30 21.55
C GLU A 275 -26.12 -14.54 20.98
N ARG A 276 -25.44 -15.60 21.40
CA ARG A 276 -24.09 -15.91 20.89
C ARG A 276 -24.08 -16.90 19.73
N PHE A 277 -24.92 -17.94 19.84
CA PHE A 277 -24.88 -19.02 18.86
C PHE A 277 -25.58 -18.57 17.59
N PRO A 278 -25.04 -18.96 16.41
CA PRO A 278 -23.84 -19.73 16.13
C PRO A 278 -22.60 -18.85 16.04
N ALA A 279 -21.44 -19.47 16.12
CA ALA A 279 -20.18 -18.76 16.05
C ALA A 279 -20.06 -17.96 14.78
N ASP A 280 -19.59 -16.74 14.96
CA ASP A 280 -19.25 -15.90 13.83
C ASP A 280 -17.91 -16.33 13.27
N VAL A 281 -17.01 -16.80 14.13
CA VAL A 281 -15.74 -17.34 13.68
C VAL A 281 -15.22 -18.45 14.58
N HIS A 282 -14.94 -19.62 13.98
CA HIS A 282 -14.22 -20.69 14.65
C HIS A 282 -12.75 -20.65 14.19
N VAL A 283 -11.84 -20.34 15.09
CA VAL A 283 -10.41 -20.39 14.79
C VAL A 283 -9.94 -21.83 14.99
N ILE A 284 -9.35 -22.45 13.95
CA ILE A 284 -8.75 -23.78 14.09
C ILE A 284 -7.39 -23.89 13.41
N GLY A 285 -6.72 -25.01 13.67
CA GLY A 285 -5.53 -25.40 12.92
C GLY A 285 -5.94 -26.29 11.75
N LYS A 286 -5.07 -26.38 10.76
CA LYS A 286 -5.36 -27.19 9.57
C LYS A 286 -5.62 -28.67 9.91
N ASP A 287 -4.98 -29.14 10.97
CA ASP A 287 -5.13 -30.54 11.38
C ASP A 287 -6.55 -30.98 11.74
N ILE A 288 -7.44 -30.05 12.09
CA ILE A 288 -8.79 -30.46 12.54
C ILE A 288 -9.90 -29.91 11.66
N LEU A 289 -9.61 -29.76 10.37
CA LEU A 289 -10.53 -29.14 9.44
C LEU A 289 -11.82 -29.95 9.21
N LYS A 290 -11.70 -31.26 9.04
CA LYS A 290 -12.87 -32.07 8.72
C LYS A 290 -13.91 -32.06 9.81
N PHE A 291 -13.46 -32.00 11.07
CA PHE A 291 -14.38 -32.10 12.21
C PHE A 291 -15.28 -30.85 12.23
N HIS A 292 -14.68 -29.71 11.90
CA HIS A 292 -15.35 -28.41 11.93
C HIS A 292 -16.10 -28.04 10.64
N ALA A 293 -15.58 -28.47 9.49
CA ALA A 293 -16.15 -28.05 8.21
C ALA A 293 -17.08 -29.08 7.55
N ILE A 294 -17.08 -30.32 8.07
CA ILE A 294 -17.95 -31.39 7.59
C ILE A 294 -18.83 -31.97 8.70
N TYR A 295 -18.23 -32.48 9.77
CA TYR A 295 -19.03 -33.15 10.81
C TYR A 295 -19.93 -32.15 11.53
N TRP A 296 -19.31 -31.08 12.01
CA TRP A 296 -20.01 -30.08 12.79
C TRP A 296 -21.26 -29.57 12.05
N PRO A 297 -21.12 -29.07 10.81
CA PRO A 297 -22.33 -28.52 10.20
C PRO A 297 -23.38 -29.58 9.95
N ALA A 298 -22.95 -30.81 9.72
CA ALA A 298 -23.88 -31.92 9.55
C ALA A 298 -24.66 -32.21 10.83
N PHE A 299 -23.96 -32.23 11.96
CA PHE A 299 -24.64 -32.37 13.26
C PHE A 299 -25.67 -31.23 13.42
N LEU A 300 -25.25 -30.01 13.13
CA LEU A 300 -26.12 -28.85 13.28
C LEU A 300 -27.35 -28.93 12.36
N LEU A 301 -27.13 -29.33 11.10
CA LEU A 301 -28.21 -29.49 10.16
C LEU A 301 -29.19 -30.56 10.62
N SER A 302 -28.67 -31.68 11.14
CA SER A 302 -29.53 -32.75 11.66
C SER A 302 -30.40 -32.25 12.83
N ALA A 303 -29.76 -31.52 13.74
CA ALA A 303 -30.41 -31.04 14.95
C ALA A 303 -31.28 -29.79 14.74
N GLY A 304 -31.30 -29.24 13.54
CA GLY A 304 -32.03 -28.02 13.27
C GLY A 304 -31.42 -26.78 13.89
N LEU A 305 -30.10 -26.79 14.10
CA LEU A 305 -29.41 -25.62 14.67
C LEU A 305 -28.77 -24.78 13.59
N PRO A 306 -28.58 -23.48 13.85
CA PRO A 306 -27.92 -22.64 12.83
C PRO A 306 -26.46 -22.98 12.68
N LEU A 307 -25.89 -22.72 11.50
CA LEU A 307 -24.49 -23.05 11.19
C LEU A 307 -23.58 -21.84 11.39
N PRO A 308 -22.29 -22.08 11.64
CA PRO A 308 -21.38 -20.96 11.88
C PRO A 308 -21.12 -20.12 10.62
N LYS A 309 -20.67 -18.89 10.80
CA LYS A 309 -20.48 -17.99 9.67
C LYS A 309 -19.14 -18.23 8.98
N LYS A 310 -18.10 -18.47 9.77
CA LYS A 310 -16.76 -18.68 9.26
C LYS A 310 -15.98 -19.69 10.09
N ILE A 311 -15.25 -20.54 9.37
CA ILE A 311 -14.22 -21.37 9.92
C ILE A 311 -12.90 -20.87 9.31
N VAL A 312 -11.96 -20.43 10.15
CA VAL A 312 -10.64 -20.03 9.65
C VAL A 312 -9.58 -20.98 10.17
N ALA A 313 -8.85 -21.61 9.25
CA ALA A 313 -7.86 -22.62 9.58
C ALA A 313 -6.47 -22.15 9.21
N HIS A 314 -5.59 -22.09 10.21
CA HIS A 314 -4.22 -21.61 10.02
C HIS A 314 -3.24 -22.81 9.85
N GLY A 315 -1.93 -22.54 9.80
CA GLY A 315 -0.91 -23.60 9.63
C GLY A 315 -0.10 -24.04 10.87
N TRP A 316 0.84 -24.96 10.65
CA TRP A 316 1.74 -25.49 11.72
C TRP A 316 3.03 -24.67 11.79
N TRP A 317 3.68 -24.65 12.95
CA TRP A 317 4.92 -23.86 13.13
C TRP A 317 6.20 -24.70 13.03
N THR A 318 7.33 -24.00 12.81
CA THR A 318 8.67 -24.59 12.91
C THR A 318 9.61 -23.60 13.61
N LYS A 319 10.72 -24.11 14.14
CA LYS A 319 11.77 -23.25 14.70
C LYS A 319 13.10 -23.60 14.04
N ASP A 320 13.64 -22.66 13.27
CA ASP A 320 14.87 -22.86 12.46
C ASP A 320 14.67 -23.99 11.42
N ARG A 321 13.51 -23.97 10.76
CA ARG A 321 13.15 -24.95 9.72
C ARG A 321 13.13 -26.41 10.21
N LYS A 322 12.69 -26.62 11.46
CA LYS A 322 12.65 -27.95 12.06
C LYS A 322 11.41 -28.16 12.95
N LYS A 323 11.10 -29.43 13.20
CA LYS A 323 9.97 -29.80 14.05
C LYS A 323 10.26 -29.37 15.49
N ILE A 324 9.22 -28.92 16.19
CA ILE A 324 9.36 -28.54 17.60
C ILE A 324 9.05 -29.74 18.52
N SER A 325 10.06 -30.15 19.30
CA SER A 325 9.91 -31.23 20.28
C SER A 325 11.10 -31.23 21.25
N LYS A 326 10.85 -31.45 22.54
CA LYS A 326 11.91 -31.48 23.56
C LYS A 326 12.88 -32.63 23.31
N SER A 327 12.33 -33.81 23.05
CA SER A 327 13.13 -35.01 22.74
C SER A 327 14.02 -34.83 21.50
N LEU A 328 13.57 -34.03 20.55
CA LEU A 328 14.34 -33.73 19.33
C LEU A 328 15.40 -32.65 19.54
N GLY A 329 15.25 -31.86 20.60
CA GLY A 329 16.22 -30.80 20.92
C GLY A 329 15.96 -29.53 20.13
N ASN A 330 14.71 -29.10 20.09
CA ASN A 330 14.31 -27.86 19.41
C ASN A 330 13.03 -27.30 20.04
N VAL A 331 13.21 -26.46 21.07
CA VAL A 331 12.10 -25.97 21.88
C VAL A 331 11.80 -24.50 21.59
N PHE A 332 10.52 -24.14 21.69
CA PHE A 332 10.07 -22.77 21.58
C PHE A 332 9.04 -22.52 22.67
N ASP A 333 9.51 -22.04 23.83
CA ASP A 333 8.62 -21.75 24.95
C ASP A 333 8.12 -20.31 24.82
N PRO A 334 6.80 -20.13 24.71
CA PRO A 334 6.25 -18.80 24.47
C PRO A 334 6.47 -17.83 25.63
N VAL A 335 6.32 -18.31 26.86
CA VAL A 335 6.52 -17.47 28.03
C VAL A 335 8.00 -17.11 28.17
N GLU A 336 8.89 -18.07 27.91
CA GLU A 336 10.32 -17.77 27.93
C GLU A 336 10.62 -16.65 26.91
N LYS A 337 10.06 -16.78 25.71
CA LYS A 337 10.32 -15.82 24.65
C LYS A 337 9.66 -14.46 24.88
N ALA A 338 8.55 -14.46 25.61
CA ALA A 338 7.87 -13.21 25.94
C ALA A 338 8.65 -12.41 26.99
N GLU A 339 9.28 -13.11 27.92
CA GLU A 339 10.10 -12.48 28.94
C GLU A 339 11.40 -11.94 28.33
N GLU A 340 11.90 -12.61 27.31
CA GLU A 340 13.15 -12.22 26.64
C GLU A 340 12.94 -11.03 25.71
N PHE A 341 11.79 -10.99 25.03
CA PHE A 341 11.53 -9.97 23.99
C PHE A 341 10.31 -9.09 24.23
N GLY A 342 9.36 -9.54 25.05
CA GLY A 342 8.14 -8.78 25.34
C GLY A 342 6.89 -9.50 24.88
N TYR A 343 5.81 -9.36 25.64
CA TYR A 343 4.57 -10.05 25.32
C TYR A 343 3.92 -9.53 24.05
N ASP A 344 3.75 -8.22 23.96
CA ASP A 344 3.16 -7.61 22.76
C ASP A 344 4.04 -7.83 21.54
N ALA A 345 5.35 -7.75 21.73
CA ALA A 345 6.31 -7.95 20.65
C ALA A 345 6.26 -9.37 20.10
N LEU A 346 6.24 -10.34 21.01
CA LEU A 346 6.09 -11.75 20.62
C LEU A 346 4.77 -12.02 19.88
N LYS A 347 3.68 -11.43 20.35
CA LYS A 347 2.39 -11.60 19.70
C LYS A 347 2.41 -10.98 18.31
N TYR A 348 3.03 -9.81 18.21
CA TYR A 348 3.19 -9.13 16.92
C TYR A 348 3.87 -10.06 15.94
N PHE A 349 5.00 -10.61 16.36
CA PHE A 349 5.80 -11.44 15.50
C PHE A 349 5.03 -12.69 15.02
N LEU A 350 4.35 -13.36 15.94
CA LEU A 350 3.62 -14.56 15.57
C LEU A 350 2.58 -14.22 14.53
N LEU A 351 1.93 -13.07 14.71
CA LEU A 351 0.88 -12.61 13.81
C LEU A 351 1.38 -11.97 12.51
N ARG A 352 2.56 -11.38 12.54
CA ARG A 352 3.12 -10.74 11.35
C ARG A 352 3.87 -11.75 10.49
N GLU A 353 4.51 -12.72 11.13
CA GLU A 353 5.49 -13.57 10.43
C GLU A 353 4.84 -14.55 9.48
N SER A 354 3.67 -15.05 9.84
CA SER A 354 2.97 -15.99 8.99
C SER A 354 1.48 -15.75 8.86
N GLY A 355 1.00 -15.93 7.64
CA GLY A 355 -0.40 -15.99 7.34
C GLY A 355 -0.83 -17.44 7.33
N PHE A 356 -2.15 -17.65 7.27
CA PHE A 356 -2.75 -18.98 7.37
C PHE A 356 -2.31 -19.97 6.29
N SER A 357 -1.93 -19.47 5.12
CA SER A 357 -1.58 -20.36 4.02
C SER A 357 -0.18 -20.96 4.22
N ASP A 358 0.55 -20.44 5.22
CA ASP A 358 1.96 -20.80 5.40
C ASP A 358 2.18 -21.51 6.72
N ASP A 359 3.20 -22.36 6.73
CA ASP A 359 3.82 -22.84 7.95
C ASP A 359 4.99 -21.92 8.23
N GLY A 360 4.82 -21.03 9.21
CA GLY A 360 5.82 -19.98 9.48
C GLY A 360 7.14 -20.48 10.03
N ASP A 361 8.09 -19.56 10.21
CA ASP A 361 9.39 -19.90 10.80
C ASP A 361 9.91 -18.85 11.80
N TYR A 362 9.86 -19.19 13.09
CA TYR A 362 10.54 -18.42 14.12
C TYR A 362 12.05 -18.56 14.04
N SER A 363 12.76 -17.49 14.36
CA SER A 363 14.16 -17.58 14.76
C SER A 363 14.51 -16.32 15.53
N ASP A 364 15.33 -16.43 16.55
CA ASP A 364 15.76 -15.26 17.31
C ASP A 364 16.28 -14.16 16.38
N LYS A 365 16.88 -14.56 15.27
CA LYS A 365 17.39 -13.59 14.29
C LYS A 365 16.24 -12.82 13.66
N ASN A 366 15.30 -13.54 13.05
CA ASN A 366 14.22 -12.86 12.36
C ASN A 366 13.29 -12.12 13.33
N MET A 367 13.15 -12.66 14.54
CA MET A 367 12.42 -12.01 15.61
C MET A 367 13.05 -10.66 15.96
N ILE A 368 14.36 -10.64 16.14
CA ILE A 368 15.08 -9.40 16.43
C ILE A 368 15.00 -8.41 15.27
N ALA A 369 15.02 -8.90 14.04
CA ALA A 369 14.88 -8.05 12.87
C ALA A 369 13.52 -7.32 12.85
N ARG A 370 12.45 -8.03 13.18
CA ARG A 370 11.13 -7.41 13.20
C ARG A 370 10.95 -6.47 14.40
N LEU A 371 11.46 -6.87 15.56
CA LEU A 371 11.39 -6.02 16.73
C LEU A 371 12.10 -4.68 16.42
N ASN A 372 13.38 -4.77 16.08
CA ASN A 372 14.16 -3.60 15.74
C ASN A 372 13.60 -2.83 14.55
N GLY A 373 13.28 -3.55 13.48
CA GLY A 373 12.91 -2.93 12.23
C GLY A 373 11.56 -2.26 12.28
N GLU A 374 10.56 -2.99 12.75
CA GLU A 374 9.18 -2.52 12.63
C GLU A 374 8.69 -1.87 13.92
N LEU A 375 8.87 -2.53 15.06
CA LEU A 375 8.35 -2.00 16.31
C LEU A 375 9.16 -0.81 16.80
N ALA A 376 10.48 -0.88 16.71
CA ALA A 376 11.33 0.19 17.23
C ALA A 376 11.62 1.29 16.17
N ASP A 377 12.18 0.90 15.03
CA ASP A 377 12.51 1.87 13.98
C ASP A 377 11.29 2.50 13.33
N THR A 378 10.25 1.73 13.07
CA THR A 378 9.11 2.32 12.38
C THR A 378 8.14 2.97 13.35
N LEU A 379 7.57 2.18 14.26
CA LEU A 379 6.55 2.68 15.18
C LEU A 379 7.16 3.48 16.34
N GLY A 380 8.04 2.87 17.12
CA GLY A 380 8.57 3.50 18.30
C GLY A 380 9.25 4.82 18.00
N ASN A 381 10.07 4.81 16.97
CA ASN A 381 10.70 6.03 16.48
C ASN A 381 9.71 7.16 16.30
N LEU A 382 8.63 6.86 15.60
CA LEU A 382 7.63 7.84 15.24
C LEU A 382 6.96 8.43 16.47
N VAL A 383 6.62 7.58 17.44
CA VAL A 383 5.95 8.04 18.64
C VAL A 383 6.84 8.99 19.45
N MET A 384 8.13 8.67 19.55
CA MET A 384 9.08 9.53 20.28
C MET A 384 9.27 10.88 19.58
N ARG A 385 9.40 10.87 18.26
CA ARG A 385 9.52 12.11 17.50
C ARG A 385 8.35 13.06 17.78
N CYS A 386 7.12 12.59 17.54
CA CYS A 386 5.95 13.47 17.64
C CYS A 386 5.59 13.91 19.06
N THR A 387 6.21 13.28 20.06
CA THR A 387 6.06 13.69 21.47
C THR A 387 7.32 14.33 22.07
N SER A 388 8.40 14.36 21.31
CA SER A 388 9.67 14.88 21.82
C SER A 388 9.57 16.36 22.26
N ALA A 389 10.13 16.68 23.42
CA ALA A 389 10.24 18.07 23.88
C ALA A 389 10.87 18.97 22.83
N LYS A 390 11.81 18.41 22.06
CA LYS A 390 12.53 19.14 21.02
C LYS A 390 11.60 19.57 19.89
N ILE A 391 10.74 18.68 19.44
CA ILE A 391 9.87 18.99 18.30
C ILE A 391 8.54 19.56 18.76
N ASN A 392 7.85 18.82 19.61
CA ASN A 392 6.56 19.24 20.18
C ASN A 392 6.81 20.08 21.43
N VAL A 393 7.20 21.33 21.23
CA VAL A 393 7.76 22.13 22.33
C VAL A 393 6.73 22.53 23.38
N ASN A 394 5.44 22.49 23.02
CA ASN A 394 4.38 22.82 23.96
C ASN A 394 3.65 21.61 24.52
N GLY A 395 4.10 20.41 24.16
CA GLY A 395 3.51 19.16 24.64
C GLY A 395 2.01 19.10 24.46
N GLU A 396 1.55 19.51 23.28
CA GLU A 396 0.12 19.46 22.97
C GLU A 396 -0.12 19.03 21.51
N TRP A 397 -1.36 18.69 21.20
CA TRP A 397 -1.79 18.51 19.82
C TRP A 397 -1.98 19.91 19.25
N PRO A 398 -1.12 20.32 18.30
CA PRO A 398 -1.32 21.66 17.77
C PRO A 398 -2.48 21.72 16.80
N SER A 399 -2.87 22.95 16.47
CA SER A 399 -3.89 23.22 15.49
C SER A 399 -3.24 23.36 14.12
N PRO A 400 -3.68 22.59 13.12
CA PRO A 400 -3.04 22.66 11.82
C PRO A 400 -3.35 23.93 11.04
N ALA A 401 -2.39 24.38 10.24
CA ALA A 401 -2.62 25.42 9.24
C ALA A 401 -3.12 24.77 7.94
N ALA A 402 -2.89 25.41 6.80
CA ALA A 402 -3.38 24.86 5.52
C ALA A 402 -2.53 23.68 5.02
N TYR A 403 -3.23 22.71 4.45
CA TYR A 403 -2.62 21.48 4.00
C TYR A 403 -2.10 21.66 2.59
N THR A 404 -0.86 21.21 2.36
CA THR A 404 -0.30 21.10 1.03
C THR A 404 -0.80 19.82 0.39
N GLU A 405 -0.51 19.63 -0.88
CA GLU A 405 -0.89 18.39 -1.56
C GLU A 405 -0.21 17.17 -0.96
N GLU A 406 1.04 17.33 -0.53
CA GLU A 406 1.77 16.24 0.09
C GLU A 406 1.12 15.86 1.43
N ASP A 407 0.78 16.88 2.21
CA ASP A 407 0.00 16.72 3.43
C ASP A 407 -1.26 15.93 3.12
N GLU A 408 -1.96 16.33 2.08
CA GLU A 408 -3.23 15.71 1.76
C GLU A 408 -3.10 14.27 1.30
N SER A 409 -1.98 13.93 0.67
CA SER A 409 -1.78 12.56 0.23
C SER A 409 -1.68 11.68 1.46
N LEU A 410 -0.96 12.14 2.48
CA LEU A 410 -0.83 11.36 3.71
C LEU A 410 -2.16 11.22 4.46
N ILE A 411 -2.92 12.32 4.52
CA ILE A 411 -4.20 12.34 5.20
C ILE A 411 -5.15 11.34 4.57
N GLN A 412 -5.04 11.19 3.26
CA GLN A 412 -5.86 10.30 2.51
C GLN A 412 -5.55 8.87 2.88
N LEU A 413 -4.26 8.56 2.97
CA LEU A 413 -3.86 7.20 3.32
C LEU A 413 -4.39 6.85 4.70
N ILE A 414 -4.31 7.81 5.61
CA ILE A 414 -4.80 7.61 6.97
C ILE A 414 -6.31 7.44 7.01
N LYS A 415 -7.03 8.25 6.25
CA LYS A 415 -8.47 8.15 6.21
C LYS A 415 -8.92 6.83 5.62
N ASP A 416 -8.21 6.33 4.61
CA ASP A 416 -8.56 5.06 3.99
C ASP A 416 -8.18 3.85 4.86
N LEU A 417 -7.19 4.01 5.72
CA LEU A 417 -6.65 2.90 6.49
C LEU A 417 -7.67 2.06 7.28
N PRO A 418 -8.61 2.71 7.99
CA PRO A 418 -9.53 1.90 8.78
C PRO A 418 -10.44 1.01 7.95
N GLY A 419 -10.94 1.50 6.83
CA GLY A 419 -11.81 0.68 5.98
C GLY A 419 -11.11 -0.56 5.46
N THR A 420 -9.81 -0.41 5.23
CA THR A 420 -8.99 -1.44 4.63
C THR A 420 -8.64 -2.48 5.68
N ALA A 421 -8.10 -2.00 6.79
CA ALA A 421 -7.78 -2.84 7.95
C ALA A 421 -9.03 -3.58 8.42
N ASP A 422 -10.15 -2.89 8.51
CA ASP A 422 -11.44 -3.51 8.83
C ASP A 422 -11.71 -4.69 7.93
N HIS A 423 -11.57 -4.51 6.62
CA HIS A 423 -11.81 -5.62 5.72
C HIS A 423 -10.94 -6.85 6.01
N TYR A 424 -9.66 -6.62 6.26
CA TYR A 424 -8.75 -7.72 6.52
C TYR A 424 -9.09 -8.46 7.81
N TYR A 425 -9.34 -7.72 8.90
CA TYR A 425 -9.78 -8.30 10.17
C TYR A 425 -11.03 -9.18 10.03
N LEU A 426 -11.91 -8.84 9.09
CA LEU A 426 -13.16 -9.59 8.93
C LEU A 426 -13.04 -10.81 8.04
N ILE A 427 -11.93 -10.96 7.33
CA ILE A 427 -11.78 -12.11 6.45
C ILE A 427 -11.90 -13.45 7.21
N PRO A 428 -11.09 -13.63 8.29
CA PRO A 428 -10.08 -12.75 8.88
C PRO A 428 -8.66 -13.07 8.44
N ASP A 429 -7.84 -12.03 8.30
CA ASP A 429 -6.48 -12.14 7.82
C ASP A 429 -5.67 -11.10 8.58
N ILE A 430 -5.19 -11.48 9.75
CA ILE A 430 -4.55 -10.56 10.67
C ILE A 430 -3.23 -10.04 10.13
N GLN A 431 -2.47 -10.92 9.47
CA GLN A 431 -1.22 -10.52 8.85
C GLN A 431 -1.44 -9.37 7.86
N LYS A 432 -2.46 -9.47 7.02
CA LYS A 432 -2.71 -8.43 6.04
C LYS A 432 -3.09 -7.10 6.70
N ALA A 433 -3.87 -7.14 7.77
CA ALA A 433 -4.18 -5.94 8.52
C ALA A 433 -2.93 -5.27 9.09
N ILE A 434 -2.01 -6.07 9.62
CA ILE A 434 -0.78 -5.52 10.19
C ILE A 434 0.05 -4.85 9.10
N ILE A 435 0.14 -5.52 7.95
CA ILE A 435 0.93 -5.00 6.87
C ILE A 435 0.30 -3.70 6.39
N ALA A 436 -1.04 -3.63 6.34
CA ALA A 436 -1.69 -2.39 5.92
C ALA A 436 -1.37 -1.21 6.85
N VAL A 437 -1.48 -1.43 8.16
CA VAL A 437 -1.21 -0.39 9.13
C VAL A 437 0.26 0.05 9.07
N PHE A 438 1.17 -0.92 9.00
CA PHE A 438 2.60 -0.58 8.89
C PHE A 438 2.99 0.10 7.57
N ASP A 439 2.28 -0.21 6.48
CA ASP A 439 2.47 0.54 5.23
C ASP A 439 2.19 2.02 5.49
N VAL A 440 1.13 2.32 6.24
CA VAL A 440 0.79 3.71 6.53
C VAL A 440 1.82 4.35 7.46
N LEU A 441 2.30 3.56 8.41
CA LEU A 441 3.34 4.02 9.30
C LEU A 441 4.64 4.37 8.55
N ARG A 442 5.01 3.52 7.58
CA ARG A 442 6.17 3.80 6.74
C ARG A 442 5.97 5.13 5.98
N ALA A 443 4.77 5.35 5.45
CA ALA A 443 4.45 6.62 4.79
C ALA A 443 4.63 7.82 5.73
N ILE A 444 4.17 7.70 6.97
CA ILE A 444 4.28 8.80 7.90
C ILE A 444 5.75 9.08 8.17
N ASN A 445 6.56 8.04 8.33
CA ASN A 445 7.99 8.24 8.53
C ASN A 445 8.65 8.98 7.37
N ALA A 446 8.28 8.63 6.15
CA ALA A 446 8.86 9.25 4.96
C ALA A 446 8.41 10.70 4.86
N TYR A 447 7.17 10.97 5.28
CA TYR A 447 6.70 12.33 5.35
C TYR A 447 7.51 13.17 6.34
N VAL A 448 7.74 12.63 7.52
CA VAL A 448 8.44 13.33 8.59
C VAL A 448 9.87 13.62 8.13
N THR A 449 10.52 12.61 7.58
CA THR A 449 11.86 12.76 7.00
C THR A 449 11.87 13.87 5.94
N ASP A 450 10.86 13.87 5.09
CA ASP A 450 10.69 14.84 4.04
C ASP A 450 10.52 16.24 4.61
N MET A 451 9.74 16.37 5.68
CA MET A 451 9.38 17.66 6.23
C MET A 451 10.38 18.24 7.20
N ALA A 452 11.24 17.40 7.77
CA ALA A 452 12.30 17.83 8.70
C ALA A 452 11.81 18.73 9.83
N PRO A 453 10.83 18.25 10.61
CA PRO A 453 10.23 19.09 11.65
C PRO A 453 11.22 19.61 12.70
N TRP A 454 12.30 18.89 12.95
CA TRP A 454 13.41 19.42 13.77
C TRP A 454 13.91 20.77 13.26
N LYS A 455 14.05 20.91 11.95
CA LYS A 455 14.45 22.18 11.34
C LYS A 455 13.32 23.23 11.39
N LEU A 456 12.08 22.78 11.26
CA LEU A 456 10.96 23.69 11.20
C LEU A 456 10.76 24.44 12.53
N VAL A 457 11.14 23.81 13.65
CA VAL A 457 11.01 24.41 14.98
C VAL A 457 11.55 25.84 15.03
N LYS A 458 12.72 26.04 14.40
CA LYS A 458 13.33 27.36 14.29
C LYS A 458 12.84 28.13 13.06
N THR A 459 12.94 27.49 11.91
CA THR A 459 12.62 28.12 10.62
C THR A 459 11.14 28.54 10.41
N ASP A 460 10.19 27.66 10.75
CA ASP A 460 8.78 27.89 10.36
C ASP A 460 7.80 27.18 11.31
N PRO A 461 7.44 27.84 12.42
CA PRO A 461 6.57 27.23 13.42
C PRO A 461 5.15 27.01 12.94
N GLU A 462 4.65 27.83 12.02
CA GLU A 462 3.29 27.65 11.50
C GLU A 462 3.22 26.39 10.64
N ARG A 463 4.30 26.13 9.90
CA ARG A 463 4.39 24.88 9.15
C ARG A 463 4.49 23.68 10.10
N LEU A 464 5.30 23.81 11.14
CA LEU A 464 5.48 22.73 12.10
C LEU A 464 4.16 22.28 12.70
N ARG A 465 3.26 23.21 12.97
CA ARG A 465 1.95 22.86 13.49
C ARG A 465 1.21 21.85 12.61
N THR A 466 1.26 22.05 11.30
CA THR A 466 0.52 21.20 10.38
C THR A 466 1.15 19.79 10.32
N VAL A 467 2.47 19.77 10.18
CA VAL A 467 3.23 18.53 10.08
C VAL A 467 3.02 17.69 11.35
N LEU A 468 3.20 18.34 12.49
CA LEU A 468 3.02 17.70 13.78
C LEU A 468 1.61 17.16 14.00
N TYR A 469 0.60 17.96 13.65
CA TYR A 469 -0.78 17.51 13.83
C TYR A 469 -1.10 16.27 13.02
N ILE A 470 -0.69 16.24 11.75
CA ILE A 470 -0.88 15.06 10.91
C ILE A 470 -0.09 13.85 11.44
N THR A 471 1.15 14.08 11.87
CA THR A 471 1.98 13.02 12.42
C THR A 471 1.32 12.39 13.65
N LEU A 472 0.86 13.23 14.58
CA LEU A 472 0.14 12.73 15.76
C LEU A 472 -1.13 11.96 15.36
N GLU A 473 -1.88 12.48 14.41
CA GLU A 473 -3.13 11.84 14.06
C GLU A 473 -2.92 10.51 13.33
N GLY A 474 -1.84 10.40 12.56
CA GLY A 474 -1.50 9.14 11.90
C GLY A 474 -1.16 8.08 12.92
N VAL A 475 -0.32 8.49 13.87
CA VAL A 475 0.15 7.62 14.95
C VAL A 475 -0.98 7.13 15.85
N ARG A 476 -1.94 8.00 16.14
CA ARG A 476 -3.10 7.60 16.92
C ARG A 476 -3.93 6.53 16.20
N VAL A 477 -4.23 6.80 14.94
CA VAL A 477 -5.12 5.94 14.15
C VAL A 477 -4.47 4.58 13.85
N THR A 478 -3.18 4.60 13.49
CA THR A 478 -2.44 3.35 13.30
C THR A 478 -2.48 2.57 14.61
N THR A 479 -2.26 3.25 15.73
CA THR A 479 -2.16 2.58 17.02
C THR A 479 -3.51 2.01 17.43
N LEU A 480 -4.57 2.74 17.19
CA LEU A 480 -5.89 2.23 17.48
C LEU A 480 -6.12 0.91 16.73
N LEU A 481 -5.73 0.86 15.46
CA LEU A 481 -5.91 -0.36 14.65
C LEU A 481 -4.95 -1.47 15.03
N LEU A 482 -3.78 -1.11 15.53
CA LEU A 482 -2.86 -2.12 16.05
C LEU A 482 -3.16 -2.52 17.47
N SER A 483 -4.16 -1.92 18.11
CA SER A 483 -4.40 -2.16 19.54
C SER A 483 -4.88 -3.58 19.87
N PRO A 484 -5.58 -4.26 18.96
CA PRO A 484 -5.85 -5.67 19.26
C PRO A 484 -4.59 -6.53 19.23
N ILE A 485 -3.53 -6.03 18.63
CA ILE A 485 -2.31 -6.79 18.48
C ILE A 485 -1.26 -6.39 19.51
N LEU A 486 -1.29 -5.13 19.95
CA LEU A 486 -0.37 -4.64 20.95
C LEU A 486 -1.23 -3.97 22.03
N PRO A 487 -2.05 -4.78 22.72
CA PRO A 487 -2.94 -4.17 23.72
C PRO A 487 -2.23 -3.37 24.81
N ARG A 488 -1.14 -3.87 25.37
CA ARG A 488 -0.46 -3.11 26.42
C ARG A 488 0.29 -1.91 25.88
N LYS A 489 1.01 -2.10 24.78
CA LYS A 489 1.79 -1.01 24.20
C LYS A 489 0.90 0.08 23.61
N SER A 490 -0.25 -0.29 23.05
CA SER A 490 -1.16 0.72 22.52
C SER A 490 -1.63 1.65 23.64
N VAL A 491 -1.73 1.11 24.86
CA VAL A 491 -2.16 1.92 25.99
C VAL A 491 -1.05 2.89 26.37
N VAL A 492 0.18 2.41 26.41
CA VAL A 492 1.32 3.30 26.63
C VAL A 492 1.31 4.41 25.60
N ILE A 493 1.21 4.04 24.32
CA ILE A 493 1.24 5.02 23.25
C ILE A 493 0.16 6.08 23.45
N PHE A 494 -1.05 5.63 23.72
CA PHE A 494 -2.14 6.58 23.91
C PHE A 494 -1.85 7.51 25.10
N ASP A 495 -1.31 6.97 26.18
CA ASP A 495 -0.98 7.80 27.36
C ASP A 495 0.00 8.89 27.00
N MET A 496 1.05 8.53 26.27
CA MET A 496 2.06 9.49 25.82
C MET A 496 1.42 10.57 24.96
N LEU A 497 0.58 10.14 24.02
CA LEU A 497 -0.13 11.08 23.16
C LEU A 497 -1.18 11.88 23.91
N GLY A 498 -1.51 11.46 25.12
CA GLY A 498 -2.56 12.09 25.90
C GLY A 498 -3.96 11.91 25.34
N VAL A 499 -4.20 10.81 24.62
CA VAL A 499 -5.53 10.53 24.08
C VAL A 499 -6.47 10.17 25.24
N PRO A 500 -7.57 10.91 25.39
CA PRO A 500 -8.58 10.53 26.38
C PRO A 500 -9.13 9.12 26.17
N GLU A 501 -9.59 8.49 27.25
CA GLU A 501 -10.11 7.13 27.23
C GLU A 501 -11.21 6.90 26.20
N VAL A 502 -12.18 7.82 26.17
CA VAL A 502 -13.30 7.70 25.25
C VAL A 502 -12.88 7.60 23.78
N HIS A 503 -11.76 8.21 23.41
CA HIS A 503 -11.31 8.16 22.02
C HIS A 503 -10.46 6.92 21.69
N ARG A 504 -10.23 6.07 22.68
CA ARG A 504 -9.44 4.85 22.49
C ARG A 504 -10.25 3.64 21.98
N LYS A 505 -11.52 3.84 21.67
CA LYS A 505 -12.39 2.73 21.31
C LYS A 505 -13.53 3.29 20.47
N GLY A 506 -14.17 2.48 19.65
CA GLY A 506 -15.35 2.93 18.89
C GLY A 506 -15.05 3.38 17.47
N ILE A 507 -15.94 3.01 16.53
CA ILE A 507 -15.77 3.34 15.11
C ILE A 507 -15.72 4.85 14.89
N GLU A 508 -16.43 5.58 15.73
CA GLU A 508 -16.36 7.03 15.77
C GLU A 508 -14.92 7.52 15.74
N ASN A 509 -14.03 6.85 16.47
CA ASN A 509 -12.64 7.29 16.59
C ASN A 509 -11.69 6.70 15.53
N PHE A 510 -12.26 5.99 14.57
CA PHE A 510 -11.56 5.64 13.34
C PHE A 510 -11.46 6.84 12.38
N GLU A 511 -12.24 7.89 12.63
CA GLU A 511 -12.25 9.05 11.75
C GLU A 511 -11.10 10.00 12.07
N PHE A 512 -10.53 10.57 11.02
CA PHE A 512 -9.42 11.50 11.11
C PHE A 512 -9.88 12.76 11.82
N GLY A 513 -9.10 13.20 12.81
CA GLY A 513 -9.40 14.40 13.56
C GLY A 513 -10.36 14.26 14.73
N ALA A 514 -10.40 13.08 15.35
CA ALA A 514 -11.33 12.83 16.46
C ALA A 514 -10.83 13.35 17.80
N VAL A 515 -9.52 13.53 17.90
CA VAL A 515 -8.93 14.19 19.07
C VAL A 515 -8.67 15.65 18.74
N PRO A 516 -9.28 16.56 19.50
CA PRO A 516 -9.15 17.98 19.18
C PRO A 516 -7.76 18.59 19.44
N PRO A 517 -7.37 19.61 18.66
CA PRO A 517 -6.17 20.37 18.96
C PRO A 517 -6.24 20.99 20.35
N GLY A 518 -5.08 21.12 20.98
CA GLY A 518 -5.00 21.65 22.34
C GLY A 518 -5.02 20.58 23.42
N THR A 519 -5.39 19.34 23.05
CA THR A 519 -5.23 18.17 23.89
C THR A 519 -3.78 18.05 24.36
N ARG A 520 -3.57 17.93 25.66
CA ARG A 520 -2.22 17.88 26.22
C ARG A 520 -1.64 16.48 26.12
N LEU A 521 -0.34 16.40 25.86
CA LEU A 521 0.37 15.13 25.87
C LEU A 521 0.49 14.65 27.30
N GLY A 522 0.71 13.35 27.45
CA GLY A 522 0.87 12.76 28.77
C GLY A 522 2.25 13.08 29.26
N PRO A 523 2.47 12.96 30.57
CA PRO A 523 3.79 13.30 31.12
C PRO A 523 4.84 12.32 30.61
N ALA A 524 6.09 12.76 30.57
CA ALA A 524 7.17 11.96 30.03
C ALA A 524 8.06 11.44 31.16
N VAL A 525 8.80 10.38 30.88
CA VAL A 525 9.75 9.79 31.84
C VAL A 525 11.18 9.87 31.28
N GLU A 526 12.13 10.28 32.12
CA GLU A 526 13.52 10.53 31.72
C GLU A 526 14.15 9.39 30.91
N GLY A 527 13.97 8.17 31.41
CA GLY A 527 14.40 6.98 30.70
C GLY A 527 13.21 6.09 30.39
N GLU A 528 12.58 6.30 29.24
CA GLU A 528 11.51 5.43 28.78
C GLU A 528 11.63 5.15 27.28
N VAL A 529 11.35 3.90 26.91
CA VAL A 529 11.30 3.49 25.51
C VAL A 529 10.15 2.50 25.34
N LEU A 530 9.47 2.60 24.20
CA LEU A 530 8.36 1.70 23.88
C LEU A 530 8.86 0.31 23.56
N PHE A 531 9.83 0.24 22.65
CA PHE A 531 10.49 -1.02 22.29
C PHE A 531 11.96 -0.74 22.22
N SER A 532 12.75 -1.40 23.05
CA SER A 532 14.20 -1.19 23.05
C SER A 532 14.84 -2.20 22.09
N LYS A 533 15.77 -1.73 21.27
CA LYS A 533 16.44 -2.58 20.30
C LYS A 533 17.26 -3.68 20.98
N ARG A 534 17.35 -4.83 20.32
CA ARG A 534 18.21 -5.93 20.78
C ARG A 534 19.44 -6.00 19.88
N SER A 535 20.59 -6.33 20.47
CA SER A 535 21.84 -6.47 19.71
C SER A 535 21.76 -7.66 18.74
N THR A 536 22.81 -7.85 17.94
CA THR A 536 22.87 -8.95 16.99
C THR A 536 24.13 -9.84 17.23
N GLU A 537 24.03 -10.71 18.24
CA GLU A 537 25.06 -11.73 18.51
C GLU A 537 24.71 -13.02 17.78
N GLY B 1 -11.24 7.11 -0.63
CA GLY B 1 -11.87 8.46 -0.69
C GLY B 1 -11.75 9.10 -2.07
N PRO B 2 -12.50 10.20 -2.29
CA PRO B 2 -12.44 10.90 -3.58
C PRO B 2 -11.15 11.69 -3.75
N GLY B 3 -10.73 11.81 -5.00
CA GLY B 3 -9.58 12.66 -5.32
C GLY B 3 -10.04 14.10 -5.41
N SER B 4 -9.13 15.00 -5.79
CA SER B 4 -9.49 16.40 -5.97
C SER B 4 -10.34 16.52 -7.22
N MET B 5 -11.19 17.54 -7.26
CA MET B 5 -12.07 17.74 -8.40
C MET B 5 -11.31 18.45 -9.51
N LYS B 6 -11.91 18.52 -10.69
CA LYS B 6 -11.26 19.15 -11.83
C LYS B 6 -10.95 20.61 -11.52
N VAL B 7 -9.94 21.15 -12.16
CA VAL B 7 -9.70 22.58 -12.13
C VAL B 7 -10.71 23.26 -13.04
N GLU B 8 -11.05 24.52 -12.74
CA GLU B 8 -11.97 25.27 -13.57
C GLU B 8 -11.25 25.90 -14.77
N LYS B 9 -10.00 26.32 -14.57
CA LYS B 9 -9.16 26.88 -15.63
C LYS B 9 -8.63 25.82 -16.60
N VAL B 10 -7.81 26.23 -17.56
CA VAL B 10 -7.12 25.28 -18.43
C VAL B 10 -5.80 24.94 -17.78
N PHE B 11 -5.60 23.66 -17.47
CA PHE B 11 -4.42 23.22 -16.74
C PHE B 11 -3.19 23.43 -17.63
N PHE B 12 -2.22 24.17 -17.09
CA PHE B 12 -1.11 24.67 -17.87
C PHE B 12 0.19 24.15 -17.25
N VAL B 13 0.86 23.27 -17.98
CA VAL B 13 2.05 22.59 -17.53
C VAL B 13 3.12 22.86 -18.55
N THR B 14 4.36 23.07 -18.08
CA THR B 14 5.44 23.49 -18.97
C THR B 14 6.77 22.75 -18.70
N SER B 15 7.66 22.82 -19.68
CA SER B 15 9.01 22.35 -19.52
C SER B 15 9.92 23.55 -19.66
N PRO B 16 11.19 23.40 -19.29
CA PRO B 16 12.08 24.50 -19.62
C PRO B 16 12.16 24.57 -21.13
N ILE B 17 12.57 25.71 -21.66
CA ILE B 17 12.91 25.78 -23.07
C ILE B 17 14.40 25.52 -23.16
N TYR B 18 14.79 24.70 -24.13
CA TYR B 18 16.13 24.15 -24.17
C TYR B 18 17.03 24.94 -25.11
N TYR B 19 18.31 25.05 -24.74
CA TYR B 19 19.25 25.86 -25.49
C TYR B 19 19.64 25.10 -26.74
N VAL B 20 19.81 25.82 -27.85
CA VAL B 20 20.07 25.18 -29.14
C VAL B 20 21.55 25.11 -29.52
N ASN B 21 22.46 25.28 -28.56
CA ASN B 21 23.89 25.09 -28.83
C ASN B 21 24.36 23.64 -28.64
N ALA B 22 23.42 22.76 -28.32
CA ALA B 22 23.69 21.33 -28.20
C ALA B 22 22.52 20.53 -28.79
N ALA B 23 22.81 19.32 -29.26
CA ALA B 23 21.77 18.41 -29.77
C ALA B 23 20.92 17.90 -28.60
N PRO B 24 19.69 17.44 -28.90
CA PRO B 24 18.83 16.92 -27.84
C PRO B 24 19.48 15.74 -27.12
N HIS B 25 19.26 15.60 -25.83
CA HIS B 25 19.84 14.53 -25.04
C HIS B 25 18.87 14.10 -23.93
N ILE B 26 19.30 13.11 -23.14
CA ILE B 26 18.47 12.54 -22.08
C ILE B 26 17.86 13.59 -21.16
N GLY B 27 18.66 14.56 -20.71
CA GLY B 27 18.15 15.67 -19.89
C GLY B 27 16.86 16.30 -20.40
N HIS B 28 16.87 16.68 -21.66
CA HIS B 28 15.72 17.34 -22.30
C HIS B 28 14.53 16.39 -22.42
N VAL B 29 14.85 15.14 -22.71
CA VAL B 29 13.85 14.11 -22.91
C VAL B 29 13.12 13.83 -21.61
N TYR B 30 13.90 13.82 -20.54
CA TYR B 30 13.38 13.55 -19.21
C TYR B 30 12.44 14.67 -18.72
N SER B 31 12.86 15.92 -18.89
CA SER B 31 12.06 17.06 -18.45
C SER B 31 10.74 17.10 -19.21
N THR B 32 10.82 16.97 -20.52
CA THR B 32 9.63 16.97 -21.35
C THR B 32 8.74 15.74 -21.08
N LEU B 33 9.34 14.61 -20.69
CA LEU B 33 8.57 13.41 -20.34
C LEU B 33 7.69 13.66 -19.12
N ILE B 34 8.26 14.35 -18.14
CA ILE B 34 7.55 14.67 -16.92
C ILE B 34 6.41 15.64 -17.26
N THR B 35 6.70 16.61 -18.12
CA THR B 35 5.71 17.54 -18.60
C THR B 35 4.57 16.80 -19.31
N ASP B 36 4.92 15.88 -20.19
CA ASP B 36 3.94 15.20 -21.02
C ASP B 36 3.01 14.36 -20.15
N VAL B 37 3.60 13.74 -19.13
CA VAL B 37 2.89 12.82 -18.26
C VAL B 37 1.85 13.55 -17.42
N ILE B 38 2.27 14.67 -16.85
CA ILE B 38 1.37 15.49 -16.07
C ILE B 38 0.23 16.01 -16.96
N GLY B 39 0.57 16.48 -18.14
CA GLY B 39 -0.43 16.84 -19.12
C GLY B 39 -1.42 15.72 -19.39
N ARG B 40 -0.90 14.51 -19.58
CA ARG B 40 -1.75 13.38 -19.93
C ARG B 40 -2.68 13.04 -18.79
N TYR B 41 -2.16 13.08 -17.56
CA TYR B 41 -2.98 12.71 -16.43
C TYR B 41 -4.19 13.62 -16.37
N HIS B 42 -3.94 14.92 -16.51
CA HIS B 42 -5.01 15.87 -16.38
C HIS B 42 -5.98 15.79 -17.55
N ARG B 43 -5.52 15.32 -18.70
CA ARG B 43 -6.40 15.06 -19.83
C ARG B 43 -7.32 13.86 -19.58
N VAL B 44 -6.76 12.80 -19.00
CA VAL B 44 -7.52 11.59 -18.61
C VAL B 44 -8.54 11.89 -17.51
N LYS B 45 -8.20 12.85 -16.65
CA LYS B 45 -9.08 13.28 -15.59
C LYS B 45 -10.27 14.05 -16.14
N GLY B 46 -10.15 14.53 -17.38
CA GLY B 46 -11.24 15.22 -18.06
C GLY B 46 -11.10 16.73 -18.04
N GLU B 47 -9.90 17.23 -17.76
CA GLU B 47 -9.67 18.66 -17.75
C GLU B 47 -9.14 19.11 -19.10
N ARG B 48 -9.37 20.38 -19.42
CA ARG B 48 -8.71 21.03 -20.53
C ARG B 48 -7.27 21.27 -20.13
N VAL B 49 -6.35 21.02 -21.06
CA VAL B 49 -4.95 21.05 -20.78
C VAL B 49 -4.17 21.77 -21.85
N PHE B 50 -3.17 22.54 -21.44
CA PHE B 50 -2.21 23.12 -22.35
C PHE B 50 -0.78 22.82 -21.88
N ALA B 51 -0.07 21.98 -22.62
CA ALA B 51 1.27 21.58 -22.26
C ALA B 51 2.27 22.18 -23.24
N LEU B 52 3.31 22.80 -22.69
CA LEU B 52 4.21 23.64 -23.47
C LEU B 52 5.65 23.19 -23.27
N THR B 53 6.41 23.24 -24.36
CA THR B 53 7.86 23.01 -24.35
C THR B 53 8.44 23.88 -25.46
N GLY B 54 9.74 23.83 -25.70
CA GLY B 54 10.31 24.66 -26.76
C GLY B 54 11.78 24.96 -26.64
N THR B 55 12.25 25.96 -27.39
CA THR B 55 13.68 26.24 -27.50
C THR B 55 14.07 27.69 -27.19
N ASP B 56 15.20 27.82 -26.52
CA ASP B 56 15.84 29.10 -26.15
C ASP B 56 16.90 29.38 -27.23
N GLU B 57 16.64 30.37 -28.07
CA GLU B 57 17.40 30.50 -29.30
C GLU B 57 18.35 31.70 -29.43
N HIS B 58 18.41 32.59 -28.43
CA HIS B 58 19.25 33.80 -28.54
C HIS B 58 20.59 33.67 -27.81
N GLY B 59 21.44 34.69 -27.94
CA GLY B 59 22.69 34.76 -27.17
C GLY B 59 23.95 34.55 -27.99
N GLN B 60 25.10 34.82 -27.36
CA GLN B 60 26.37 34.81 -28.08
C GLN B 60 26.86 33.42 -28.46
N LYS B 61 26.57 32.42 -27.63
CA LYS B 61 27.00 31.05 -27.92
C LYS B 61 26.34 30.47 -29.17
N VAL B 62 25.04 30.72 -29.32
CA VAL B 62 24.32 30.26 -30.49
C VAL B 62 24.89 30.93 -31.75
N ALA B 63 25.16 32.23 -31.67
CA ALA B 63 25.74 32.98 -32.77
C ALA B 63 27.13 32.47 -33.08
N GLU B 64 27.92 32.26 -32.03
CA GLU B 64 29.27 31.69 -32.19
C GLU B 64 29.22 30.30 -32.82
N ALA B 65 28.25 29.48 -32.41
CA ALA B 65 28.06 28.13 -32.97
C ALA B 65 27.68 28.16 -34.44
N ALA B 66 26.79 29.09 -34.80
CA ALA B 66 26.40 29.28 -36.19
C ALA B 66 27.58 29.75 -37.03
N LYS B 67 28.42 30.60 -36.46
CA LYS B 67 29.60 31.13 -37.14
C LYS B 67 30.61 30.03 -37.48
N GLN B 68 30.82 29.07 -36.57
CA GLN B 68 31.75 27.98 -36.85
C GLN B 68 31.18 27.05 -37.91
N LYS B 69 29.86 26.84 -37.89
CA LYS B 69 29.17 26.01 -38.90
C LYS B 69 28.99 26.73 -40.25
N GLN B 70 29.31 28.02 -40.29
CA GLN B 70 29.23 28.85 -41.50
C GLN B 70 27.81 28.99 -42.08
N VAL B 71 26.82 29.08 -41.19
CA VAL B 71 25.43 29.37 -41.57
C VAL B 71 24.98 30.60 -40.80
N SER B 72 23.83 31.15 -41.21
CA SER B 72 23.27 32.29 -40.49
C SER B 72 22.67 31.79 -39.17
N PRO B 73 22.69 32.64 -38.13
CA PRO B 73 22.12 32.18 -36.86
C PRO B 73 20.65 31.73 -36.97
N TYR B 74 19.88 32.32 -37.87
CA TYR B 74 18.47 31.94 -38.01
C TYR B 74 18.30 30.57 -38.69
N ASP B 75 19.20 30.23 -39.60
CA ASP B 75 19.21 28.90 -40.19
C ASP B 75 19.65 27.85 -39.19
N PHE B 76 20.67 28.22 -38.41
CA PHE B 76 21.22 27.35 -37.39
C PHE B 76 20.14 26.97 -36.37
N THR B 77 19.42 27.97 -35.88
CA THR B 77 18.41 27.74 -34.85
C THR B 77 17.21 26.98 -35.40
N THR B 78 16.79 27.31 -36.62
CA THR B 78 15.67 26.62 -37.26
C THR B 78 16.00 25.13 -37.40
N ALA B 79 17.24 24.84 -37.78
CA ALA B 79 17.70 23.46 -37.87
C ALA B 79 17.69 22.74 -36.50
N VAL B 80 18.26 23.35 -35.47
CA VAL B 80 18.35 22.70 -34.18
C VAL B 80 16.96 22.57 -33.56
N ALA B 81 16.11 23.58 -33.72
CA ALA B 81 14.74 23.46 -33.25
C ALA B 81 14.06 22.24 -33.87
N GLY B 82 14.30 22.03 -35.16
CA GLY B 82 13.74 20.90 -35.88
C GLY B 82 14.18 19.59 -35.30
N GLU B 83 15.44 19.52 -34.87
CA GLU B 83 15.97 18.33 -34.20
C GLU B 83 15.17 18.05 -32.94
N PHE B 84 14.99 19.06 -32.12
CA PHE B 84 14.20 18.93 -30.90
C PHE B 84 12.77 18.49 -31.23
N LYS B 85 12.16 19.07 -32.26
CA LYS B 85 10.79 18.72 -32.62
C LYS B 85 10.67 17.27 -33.06
N LYS B 86 11.63 16.84 -33.86
CA LYS B 86 11.66 15.46 -34.31
C LYS B 86 11.84 14.51 -33.12
N CAS B 87 12.70 14.88 -32.17
CA CAS B 87 13.00 14.05 -31.00
CB CAS B 87 14.08 14.70 -30.14
C CAS B 87 11.77 13.77 -30.19
O CAS B 87 11.53 12.65 -29.76
SG CAS B 87 14.51 13.76 -28.72
AS CAS B 87 16.07 12.30 -29.35
CE1 CAS B 87 17.64 12.41 -28.14
CE2 CAS B 87 16.66 12.68 -31.23
N PHE B 88 10.94 14.79 -30.00
CA PHE B 88 9.75 14.65 -29.18
C PHE B 88 8.64 13.94 -29.94
N GLU B 89 8.68 14.03 -31.27
CA GLU B 89 7.82 13.21 -32.10
C GLU B 89 8.20 11.75 -31.95
N GLN B 90 9.50 11.45 -32.05
CA GLN B 90 9.95 10.06 -31.94
CA GLN B 90 10.00 10.08 -31.93
C GLN B 90 9.63 9.50 -30.56
N MET B 91 9.80 10.33 -29.52
CA MET B 91 9.46 9.94 -28.17
C MET B 91 7.97 9.81 -27.92
N ASP B 92 7.14 10.23 -28.86
CA ASP B 92 5.69 10.01 -28.80
C ASP B 92 5.07 10.79 -27.63
N TYR B 93 5.51 12.03 -27.44
CA TYR B 93 4.88 12.93 -26.48
C TYR B 93 3.61 13.53 -27.10
N SER B 94 2.84 14.23 -26.28
CA SER B 94 1.66 14.92 -26.75
C SER B 94 1.64 16.33 -26.17
N ILE B 95 2.66 17.11 -26.54
CA ILE B 95 2.83 18.47 -26.09
C ILE B 95 2.00 19.32 -27.02
N ASP B 96 1.26 20.27 -26.49
CA ASP B 96 0.33 21.05 -27.30
C ASP B 96 0.99 22.13 -28.16
N TYR B 97 2.09 22.72 -27.68
CA TYR B 97 2.78 23.74 -28.44
C TYR B 97 4.29 23.76 -28.20
N PHE B 98 5.03 23.95 -29.29
CA PHE B 98 6.47 24.06 -29.26
C PHE B 98 6.83 25.52 -29.59
N ILE B 99 7.28 26.27 -28.59
CA ILE B 99 7.55 27.70 -28.72
C ILE B 99 9.04 27.96 -28.98
N ARG B 100 9.33 28.94 -29.83
CA ARG B 100 10.71 29.32 -30.12
C ARG B 100 10.90 30.80 -29.79
N THR B 101 11.99 31.14 -29.10
CA THR B 101 12.18 32.53 -28.66
C THR B 101 12.50 33.49 -29.80
N THR B 102 12.75 32.95 -31.00
CA THR B 102 12.83 33.75 -32.22
C THR B 102 11.48 34.16 -32.77
N ASN B 103 10.40 33.54 -32.28
CA ASN B 103 9.05 33.91 -32.70
C ASN B 103 8.72 35.37 -32.45
N GLU B 104 8.04 36.02 -33.40
CA GLU B 104 7.74 37.46 -33.28
C GLU B 104 6.77 37.76 -32.15
N GLN B 105 5.83 36.87 -31.92
CA GLN B 105 4.85 37.06 -30.85
C GLN B 105 5.58 37.01 -29.53
N HIS B 106 6.53 36.08 -29.40
CA HIS B 106 7.31 36.01 -28.17
C HIS B 106 8.02 37.34 -27.91
N LYS B 107 8.60 37.91 -28.95
CA LYS B 107 9.32 39.16 -28.84
C LYS B 107 8.41 40.31 -28.42
N ALA B 108 7.22 40.36 -29.00
CA ALA B 108 6.19 41.31 -28.58
C ALA B 108 5.96 41.27 -27.06
N VAL B 109 5.84 40.06 -26.51
CA VAL B 109 5.46 39.88 -25.11
C VAL B 109 6.63 40.24 -24.21
N VAL B 110 7.82 39.81 -24.59
CA VAL B 110 9.04 40.21 -23.88
C VAL B 110 9.13 41.74 -23.79
N LYS B 111 8.85 42.43 -24.90
CA LYS B 111 8.79 43.89 -24.90
C LYS B 111 7.67 44.45 -24.00
N GLU B 112 6.48 43.86 -24.08
CA GLU B 112 5.36 44.26 -23.22
C GLU B 112 5.70 44.08 -21.76
N LEU B 113 6.27 42.93 -21.39
CA LEU B 113 6.66 42.70 -20.00
C LEU B 113 7.83 43.58 -19.57
N TRP B 114 8.83 43.72 -20.43
CA TRP B 114 9.94 44.60 -20.10
C TRP B 114 9.39 46.00 -19.77
N THR B 115 8.43 46.48 -20.58
CA THR B 115 7.96 47.86 -20.44
C THR B 115 7.29 48.05 -19.08
N LYS B 116 6.49 47.09 -18.65
CA LYS B 116 5.82 47.18 -17.36
C LYS B 116 6.81 47.27 -16.20
N LEU B 117 7.85 46.44 -16.22
CA LEU B 117 8.83 46.44 -15.14
C LEU B 117 9.56 47.78 -15.06
N GLU B 118 9.89 48.32 -16.23
CA GLU B 118 10.57 49.61 -16.33
C GLU B 118 9.64 50.74 -15.87
N GLN B 119 8.37 50.65 -16.22
CA GLN B 119 7.41 51.69 -15.85
C GLN B 119 7.02 51.69 -14.37
N LYS B 120 7.14 50.55 -13.69
CA LYS B 120 7.01 50.49 -12.23
C LYS B 120 8.25 51.06 -11.55
N GLY B 121 9.34 51.20 -12.29
CA GLY B 121 10.61 51.62 -11.71
C GLY B 121 11.34 50.47 -11.06
N ASP B 122 11.01 49.26 -11.47
CA ASP B 122 11.67 48.04 -11.00
C ASP B 122 12.81 47.67 -11.93
N ILE B 123 12.82 48.24 -13.13
CA ILE B 123 14.01 48.26 -13.99
C ILE B 123 14.52 49.70 -14.17
N TYR B 124 15.82 49.92 -13.98
CA TYR B 124 16.42 51.22 -14.17
C TYR B 124 17.69 51.13 -14.98
N LEU B 125 18.05 52.22 -15.65
CA LEU B 125 19.29 52.30 -16.40
C LEU B 125 20.38 52.98 -15.57
N GLY B 126 21.53 52.32 -15.42
CA GLY B 126 22.68 52.90 -14.75
C GLY B 126 23.99 52.58 -15.45
N ARG B 127 25.02 53.37 -15.19
CA ARG B 127 26.36 53.13 -15.74
C ARG B 127 27.10 52.16 -14.83
N TYR B 128 27.53 51.02 -15.37
CA TYR B 128 28.38 50.09 -14.64
C TYR B 128 29.84 50.42 -14.88
N GLU B 129 30.62 50.43 -13.80
CA GLU B 129 32.06 50.73 -13.85
C GLU B 129 32.76 49.63 -13.04
N GLY B 130 33.34 48.65 -13.72
CA GLY B 130 33.97 47.51 -13.04
C GLY B 130 34.55 46.48 -13.99
N TRP B 131 34.82 45.29 -13.46
CA TRP B 131 35.37 44.19 -14.26
C TRP B 131 34.23 43.34 -14.83
N TYR B 132 34.42 42.89 -16.07
CA TYR B 132 33.46 42.02 -16.77
C TYR B 132 34.23 40.85 -17.38
N SER B 133 33.72 39.64 -17.20
CA SER B 133 34.22 38.47 -17.93
C SER B 133 33.40 38.34 -19.21
N ILE B 134 34.07 38.41 -20.36
CA ILE B 134 33.40 38.36 -21.66
C ILE B 134 32.95 36.94 -21.94
N SER B 135 33.84 35.98 -21.66
CA SER B 135 33.57 34.56 -21.87
C SER B 135 32.48 34.05 -20.93
N ASP B 136 32.61 34.36 -19.64
CA ASP B 136 31.65 33.91 -18.63
C ASP B 136 30.34 34.71 -18.66
N GLU B 137 30.33 35.84 -19.38
CA GLU B 137 29.15 36.71 -19.50
C GLU B 137 28.72 37.26 -18.14
N SER B 138 29.70 37.59 -17.30
CA SER B 138 29.47 37.96 -15.89
C SER B 138 30.07 39.32 -15.52
N PHE B 139 29.41 40.00 -14.60
CA PHE B 139 29.99 41.16 -13.92
C PHE B 139 30.68 40.64 -12.66
N LEU B 140 31.91 41.09 -12.42
CA LEU B 140 32.69 40.62 -11.28
C LEU B 140 33.18 41.77 -10.41
N THR B 141 33.25 41.52 -9.11
CA THR B 141 33.79 42.50 -8.17
C THR B 141 35.32 42.36 -8.08
N PRO B 142 36.01 43.36 -7.46
CA PRO B 142 37.48 43.30 -7.34
C PRO B 142 38.05 42.17 -6.48
N GLN B 143 37.21 41.47 -5.71
CA GLN B 143 37.65 40.32 -4.92
C GLN B 143 37.85 39.06 -5.78
N ASN B 144 37.20 39.02 -6.94
CA ASN B 144 37.25 37.86 -7.84
C ASN B 144 38.24 38.07 -9.00
N ILE B 145 39.35 38.77 -8.74
CA ILE B 145 40.39 38.99 -9.76
C ILE B 145 41.79 38.84 -9.16
N THR B 146 42.67 38.14 -9.86
CA THR B 146 44.08 37.99 -9.48
C THR B 146 44.98 38.46 -10.64
N ASP B 147 46.21 37.97 -10.71
CA ASP B 147 47.13 38.28 -11.80
C ASP B 147 47.52 37.01 -12.57
N LYS B 157 42.89 41.45 -17.47
CA LYS B 157 43.48 40.80 -16.30
C LYS B 157 43.05 39.32 -16.27
N VAL B 158 42.71 38.77 -15.10
CA VAL B 158 42.31 37.37 -14.99
C VAL B 158 41.22 37.19 -13.94
N SER B 159 40.35 36.19 -14.12
CA SER B 159 39.27 35.89 -13.17
C SER B 159 39.70 34.85 -12.13
N LEU B 160 39.02 34.87 -10.98
CA LEU B 160 39.30 33.96 -9.88
C LEU B 160 38.33 32.77 -9.91
N GLU B 161 37.04 33.05 -10.12
CA GLU B 161 36.00 32.01 -10.15
C GLU B 161 36.28 31.02 -11.28
N SER B 162 36.38 31.54 -12.49
CA SER B 162 36.78 30.78 -13.67
C SER B 162 38.19 31.23 -14.02
N GLY B 163 38.79 30.56 -15.02
CA GLY B 163 40.13 30.93 -15.46
C GLY B 163 40.17 31.92 -16.62
N HIS B 164 39.01 32.51 -16.96
CA HIS B 164 38.90 33.37 -18.14
C HIS B 164 39.27 34.82 -17.84
N VAL B 165 39.53 35.58 -18.90
CA VAL B 165 40.04 36.95 -18.80
C VAL B 165 38.91 37.94 -18.50
N VAL B 166 39.22 38.95 -17.68
CA VAL B 166 38.28 40.04 -17.39
C VAL B 166 38.90 41.38 -17.76
N THR B 167 38.06 42.34 -18.10
CA THR B 167 38.49 43.66 -18.54
C THR B 167 37.75 44.72 -17.73
N TRP B 168 38.38 45.87 -17.50
CA TRP B 168 37.66 47.00 -16.90
C TRP B 168 36.82 47.66 -17.99
N VAL B 169 35.56 47.95 -17.66
CA VAL B 169 34.61 48.54 -18.63
C VAL B 169 33.81 49.70 -18.04
N SER B 170 33.15 50.42 -18.93
CA SER B 170 32.30 51.53 -18.53
C SER B 170 31.08 51.60 -19.47
N GLU B 171 30.06 50.81 -19.14
CA GLU B 171 28.87 50.66 -19.97
C GLU B 171 27.61 51.04 -19.21
N GLU B 172 26.65 51.58 -19.94
CA GLU B 172 25.26 51.66 -19.48
C GLU B 172 24.68 50.26 -19.46
N ASN B 173 23.85 49.99 -18.46
CA ASN B 173 23.30 48.66 -18.29
C ASN B 173 21.99 48.69 -17.52
N TYR B 174 21.05 47.81 -17.88
CA TYR B 174 19.75 47.78 -17.20
C TYR B 174 19.74 46.75 -16.08
N MET B 175 19.32 47.20 -14.89
CA MET B 175 19.20 46.34 -13.72
C MET B 175 17.74 46.19 -13.32
N PHE B 176 17.40 44.97 -12.91
CA PHE B 176 16.16 44.70 -12.23
C PHE B 176 16.46 44.72 -10.73
N ARG B 177 15.71 45.53 -9.99
CA ARG B 177 15.94 45.74 -8.56
C ARG B 177 15.46 44.57 -7.71
N LEU B 178 16.08 43.40 -7.92
CA LEU B 178 15.59 42.16 -7.32
C LEU B 178 15.60 42.20 -5.80
N SER B 179 16.58 42.89 -5.22
CA SER B 179 16.73 43.02 -3.77
C SER B 179 15.48 43.59 -3.08
N ALA B 180 14.70 44.38 -3.83
CA ALA B 180 13.45 44.94 -3.34
C ALA B 180 12.31 43.92 -3.17
N PHE B 181 12.52 42.68 -3.63
CA PHE B 181 11.45 41.66 -3.60
C PHE B 181 11.67 40.56 -2.58
N ARG B 182 12.77 40.62 -1.84
CA ARG B 182 13.08 39.65 -0.80
C ARG B 182 11.86 39.31 0.07
N GLU B 183 11.25 40.32 0.68
CA GLU B 183 10.14 40.08 1.60
C GLU B 183 8.95 39.45 0.89
N ARG B 184 8.50 40.05 -0.21
CA ARG B 184 7.36 39.51 -0.94
C ARG B 184 7.59 38.05 -1.38
N LEU B 185 8.83 37.72 -1.72
CA LEU B 185 9.16 36.33 -2.09
C LEU B 185 9.04 35.40 -0.91
N LEU B 186 9.61 35.79 0.22
CA LEU B 186 9.50 35.02 1.46
C LEU B 186 8.05 34.85 1.92
N GLU B 187 7.19 35.87 1.77
CA GLU B 187 5.79 35.74 2.14
C GLU B 187 5.10 34.74 1.24
N TRP B 188 5.38 34.81 -0.07
CA TRP B 188 4.84 33.84 -1.02
C TRP B 188 5.27 32.39 -0.74
N TYR B 189 6.54 32.19 -0.39
CA TYR B 189 7.01 30.85 -0.06
C TYR B 189 6.28 30.27 1.17
N HIS B 190 6.14 31.11 2.21
CA HIS B 190 5.53 30.66 3.45
CA HIS B 190 5.51 30.71 3.48
C HIS B 190 4.00 30.54 3.34
N ALA B 191 3.37 31.37 2.51
CA ALA B 191 1.93 31.31 2.30
C ALA B 191 1.55 30.12 1.44
N ASN B 192 2.49 29.63 0.64
CA ASN B 192 2.24 28.51 -0.27
C ASN B 192 3.30 27.44 -0.09
N PRO B 193 3.23 26.71 1.03
CA PRO B 193 4.30 25.78 1.39
C PRO B 193 4.50 24.57 0.47
N GLY B 194 3.57 24.33 -0.46
CA GLY B 194 3.82 23.37 -1.54
C GLY B 194 4.25 23.99 -2.87
N CYS B 195 4.62 25.27 -2.89
CA CYS B 195 4.86 25.91 -4.17
C CYS B 195 6.12 25.41 -4.87
N ILE B 196 7.03 24.80 -4.11
CA ILE B 196 8.24 24.19 -4.69
C ILE B 196 8.39 22.77 -4.19
N VAL B 197 8.50 21.81 -5.12
CA VAL B 197 8.69 20.40 -4.81
C VAL B 197 9.99 19.94 -5.45
N PRO B 198 10.75 19.05 -4.80
CA PRO B 198 10.56 18.45 -3.48
C PRO B 198 10.87 19.43 -2.37
N GLU B 199 10.39 19.10 -1.18
CA GLU B 199 10.48 19.96 -0.01
C GLU B 199 11.90 20.45 0.28
N PHE B 200 12.91 19.60 0.18
CA PHE B 200 14.27 20.03 0.53
C PHE B 200 14.83 21.09 -0.44
N ARG B 201 14.32 21.09 -1.68
CA ARG B 201 14.68 22.13 -2.64
C ARG B 201 13.93 23.39 -2.33
N ARG B 202 12.72 23.25 -1.81
CA ARG B 202 11.96 24.41 -1.36
C ARG B 202 12.70 25.11 -0.22
N ARG B 203 13.20 24.33 0.73
CA ARG B 203 13.96 24.87 1.84
C ARG B 203 15.22 25.62 1.37
N GLU B 204 15.93 25.05 0.40
CA GLU B 204 17.14 25.66 -0.19
C GLU B 204 16.88 27.03 -0.78
N VAL B 205 15.77 27.17 -1.49
CA VAL B 205 15.42 28.44 -2.10
C VAL B 205 15.20 29.48 -1.02
N ILE B 206 14.52 29.08 0.05
CA ILE B 206 14.20 30.01 1.14
C ILE B 206 15.45 30.49 1.86
N ARG B 207 16.37 29.57 2.12
CA ARG B 207 17.63 29.93 2.74
C ARG B 207 18.40 30.91 1.88
N ALA B 208 18.32 30.75 0.55
CA ALA B 208 18.99 31.65 -0.36
C ALA B 208 18.38 33.04 -0.26
N VAL B 209 17.08 33.14 -0.44
CA VAL B 209 16.38 34.43 -0.39
C VAL B 209 16.55 35.08 0.99
N GLU B 210 16.61 34.29 2.06
CA GLU B 210 16.85 34.82 3.41
C GLU B 210 18.21 35.49 3.57
N LYS B 211 19.25 34.95 2.95
CA LYS B 211 20.59 35.57 3.00
C LYS B 211 20.65 36.94 2.35
N GLY B 212 19.63 37.28 1.56
CA GLY B 212 19.58 38.57 0.90
C GLY B 212 19.77 38.34 -0.58
N LEU B 213 19.30 39.30 -1.38
CA LEU B 213 19.33 39.21 -2.83
C LEU B 213 20.04 40.41 -3.44
N PRO B 214 20.94 40.17 -4.41
CA PRO B 214 21.50 41.29 -5.15
C PRO B 214 20.56 41.68 -6.28
N ASP B 215 20.75 42.85 -6.85
CA ASP B 215 19.98 43.22 -8.04
C ASP B 215 20.52 42.45 -9.24
N LEU B 216 19.72 42.39 -10.29
CA LEU B 216 19.96 41.48 -11.40
C LEU B 216 20.11 42.24 -12.70
N SER B 217 21.25 42.08 -13.34
CA SER B 217 21.47 42.67 -14.65
C SER B 217 20.64 41.95 -15.72
N VAL B 218 19.74 42.69 -16.39
CA VAL B 218 18.82 42.10 -17.39
C VAL B 218 19.03 42.55 -18.85
N SER B 219 20.04 43.38 -19.11
CA SER B 219 20.47 43.67 -20.48
C SER B 219 21.95 43.39 -20.72
N ARG B 220 22.30 43.22 -21.99
CA ARG B 220 23.70 43.33 -22.43
C ARG B 220 23.80 44.22 -23.65
N ALA B 221 24.99 44.78 -23.86
CA ALA B 221 25.28 45.54 -25.07
C ALA B 221 25.17 44.61 -26.27
N ARG B 222 24.72 45.15 -27.40
CA ARG B 222 24.51 44.32 -28.59
C ARG B 222 25.75 43.62 -29.16
N ALA B 223 26.91 44.28 -29.08
CA ALA B 223 28.15 43.66 -29.53
C ALA B 223 28.45 42.37 -28.73
N THR B 224 28.20 42.42 -27.42
CA THR B 224 28.42 41.29 -26.52
C THR B 224 27.66 40.05 -26.96
N LEU B 225 26.43 40.25 -27.43
CA LEU B 225 25.55 39.18 -27.85
C LEU B 225 25.63 38.88 -29.35
N HIS B 226 26.57 39.50 -30.06
CA HIS B 226 26.70 39.32 -31.51
C HIS B 226 25.40 39.67 -32.22
N ASN B 227 24.72 40.69 -31.71
CA ASN B 227 23.46 41.15 -32.27
C ASN B 227 22.45 40.03 -32.46
N TRP B 228 22.51 39.02 -31.61
CA TRP B 228 21.60 37.90 -31.72
C TRP B 228 20.75 37.78 -30.45
N ALA B 229 19.78 38.68 -30.35
CA ALA B 229 18.94 38.80 -29.17
C ALA B 229 17.78 39.80 -29.45
N ILE B 230 16.94 40.01 -28.45
CA ILE B 230 15.85 40.96 -28.55
C ILE B 230 16.30 42.34 -28.09
N PRO B 231 16.03 43.38 -28.88
CA PRO B 231 16.33 44.73 -28.46
C PRO B 231 15.50 45.20 -27.27
N VAL B 232 16.13 45.98 -26.40
CA VAL B 232 15.45 46.68 -25.35
C VAL B 232 14.53 47.74 -25.98
N PRO B 233 13.23 47.72 -25.64
CA PRO B 233 12.26 48.73 -26.08
C PRO B 233 12.77 50.15 -25.88
N GLY B 234 12.79 50.92 -26.97
CA GLY B 234 13.29 52.28 -26.94
C GLY B 234 14.78 52.41 -26.69
N ASN B 235 15.55 51.33 -26.86
CA ASN B 235 17.00 51.42 -26.79
C ASN B 235 17.73 50.33 -27.61
N PRO B 236 17.87 50.54 -28.93
CA PRO B 236 18.45 49.57 -29.87
C PRO B 236 19.93 49.20 -29.63
N ASP B 237 20.65 49.98 -28.83
CA ASP B 237 22.03 49.65 -28.49
C ASP B 237 22.16 48.50 -27.48
N HIS B 238 21.04 48.13 -26.84
CA HIS B 238 21.04 47.11 -25.80
C HIS B 238 20.01 46.00 -26.06
N CAS B 239 20.34 44.81 -25.58
CA CAS B 239 19.54 43.63 -25.83
CB CAS B 239 20.39 42.56 -26.50
C CAS B 239 19.01 43.10 -24.53
O CAS B 239 19.67 43.21 -23.49
SG CAS B 239 21.31 43.09 -27.93
AS CAS B 239 19.67 43.24 -29.42
CE1 CAS B 239 19.50 45.14 -29.99
CE2 CAS B 239 20.14 42.22 -31.05
N VAL B 240 17.83 42.51 -24.58
CA VAL B 240 17.28 41.81 -23.43
C VAL B 240 18.09 40.54 -23.22
N TYR B 241 18.56 40.32 -21.98
CA TYR B 241 19.35 39.12 -21.69
C TYR B 241 18.45 37.89 -21.43
N VAL B 242 19.08 36.75 -21.18
CA VAL B 242 18.40 35.44 -21.04
C VAL B 242 17.23 35.38 -20.05
N TRP B 243 17.35 36.09 -18.92
CA TRP B 243 16.36 35.98 -17.86
C TRP B 243 14.99 36.33 -18.41
N LEU B 244 14.79 37.58 -18.80
CA LEU B 244 13.48 38.01 -19.30
C LEU B 244 13.11 37.36 -20.63
N ASP B 245 14.09 37.12 -21.48
CA ASP B 245 13.83 36.47 -22.76
C ASP B 245 13.25 35.06 -22.57
N ALA B 246 14.01 34.20 -21.93
CA ALA B 246 13.64 32.80 -21.79
C ALA B 246 12.42 32.56 -20.88
N LEU B 247 12.43 33.14 -19.68
CA LEU B 247 11.34 32.90 -18.75
C LEU B 247 10.01 33.33 -19.32
N THR B 248 10.01 34.40 -20.10
CA THR B 248 8.78 34.95 -20.63
C THR B 248 8.06 33.97 -21.57
N ASN B 249 8.78 32.98 -22.10
CA ASN B 249 8.16 31.98 -22.97
C ASN B 249 6.86 31.43 -22.39
N TYR B 250 6.81 31.26 -21.08
CA TYR B 250 5.61 30.72 -20.42
C TYR B 250 4.45 31.68 -20.59
N LEU B 251 4.74 32.97 -20.42
CA LEU B 251 3.72 34.00 -20.59
C LEU B 251 3.24 34.09 -22.04
N THR B 252 4.20 34.10 -22.97
CA THR B 252 3.87 34.11 -24.40
C THR B 252 3.00 32.89 -24.71
N GLY B 253 3.49 31.73 -24.32
CA GLY B 253 2.78 30.49 -24.60
C GLY B 253 1.34 30.52 -24.13
N SER B 254 1.10 31.14 -22.98
CA SER B 254 -0.23 31.20 -22.38
C SER B 254 -1.19 32.09 -23.14
N ARG B 255 -0.65 32.88 -24.07
CA ARG B 255 -1.43 33.87 -24.81
C ARG B 255 -1.55 33.53 -26.31
N LEU B 256 -1.04 32.38 -26.73
CA LEU B 256 -1.08 32.02 -28.15
C LEU B 256 -2.27 31.13 -28.48
N ARG B 257 -3.14 31.57 -29.38
CA ARG B 257 -4.06 30.65 -30.05
C ARG B 257 -3.30 29.78 -31.03
N VAL B 258 -3.69 28.51 -31.10
CA VAL B 258 -2.93 27.50 -31.83
C VAL B 258 -3.90 26.67 -32.67
N ASP B 259 -3.55 26.40 -33.92
CA ASP B 259 -4.42 25.64 -34.83
C ASP B 259 -4.26 24.14 -34.64
N GLU B 260 -4.99 23.37 -35.44
CA GLU B 260 -5.00 21.89 -35.40
C GLU B 260 -3.62 21.29 -35.70
N SER B 261 -2.88 21.91 -36.62
CA SER B 261 -1.54 21.44 -37.00
C SER B 261 -0.48 21.73 -35.95
N GLY B 262 -0.77 22.68 -35.05
CA GLY B 262 0.15 23.06 -33.96
C GLY B 262 0.83 24.40 -34.13
N LYS B 263 0.45 25.14 -35.18
CA LYS B 263 1.08 26.42 -35.47
C LYS B 263 0.34 27.56 -34.77
N GLU B 264 1.13 28.53 -34.29
CA GLU B 264 0.61 29.72 -33.62
C GLU B 264 -0.08 30.67 -34.61
N VAL B 265 -1.30 31.04 -34.29
CA VAL B 265 -2.17 31.77 -35.20
C VAL B 265 -2.40 33.22 -34.77
N SER B 266 -2.31 33.49 -33.47
CA SER B 266 -2.75 34.78 -32.93
C SER B 266 -2.23 34.97 -31.52
N LEU B 267 -1.78 36.19 -31.19
CA LEU B 267 -1.40 36.55 -29.84
C LEU B 267 -2.55 37.35 -29.21
N VAL B 268 -3.18 36.74 -28.24
CA VAL B 268 -4.22 37.37 -27.44
C VAL B 268 -3.61 38.48 -26.56
N ASP B 269 -4.37 39.56 -26.30
CA ASP B 269 -3.90 40.69 -25.50
C ASP B 269 -3.92 40.38 -24.00
N ASP B 270 -5.00 39.76 -23.56
CA ASP B 270 -5.26 39.49 -22.15
C ASP B 270 -5.19 37.99 -21.92
N PHE B 271 -4.14 37.56 -21.24
CA PHE B 271 -3.94 36.14 -20.94
C PHE B 271 -5.19 35.45 -20.40
N ASN B 272 -6.00 36.17 -19.62
CA ASN B 272 -7.21 35.58 -19.05
C ASN B 272 -8.18 35.03 -20.09
N GLU B 273 -8.08 35.50 -21.33
CA GLU B 273 -8.96 35.00 -22.38
C GLU B 273 -8.79 33.51 -22.69
N LEU B 274 -7.59 32.97 -22.43
CA LEU B 274 -7.30 31.57 -22.73
C LEU B 274 -7.24 30.69 -21.48
N GLU B 275 -7.36 31.31 -20.30
CA GLU B 275 -7.50 30.60 -19.03
C GLU B 275 -6.31 29.68 -18.72
N ARG B 276 -5.10 30.03 -19.17
CA ARG B 276 -3.93 29.18 -18.96
C ARG B 276 -2.99 29.71 -17.89
N PHE B 277 -2.59 30.97 -18.04
CA PHE B 277 -1.64 31.59 -17.12
C PHE B 277 -2.32 31.83 -15.78
N PRO B 278 -1.58 31.59 -14.67
CA PRO B 278 -0.20 31.15 -14.57
C PRO B 278 -0.11 29.64 -14.61
N ALA B 279 1.12 29.15 -14.77
CA ALA B 279 1.37 27.73 -14.88
C ALA B 279 0.90 27.02 -13.63
N ASP B 280 0.22 25.90 -13.84
CA ASP B 280 -0.12 25.02 -12.72
C ASP B 280 1.10 24.25 -12.28
N VAL B 281 1.93 23.81 -13.23
CA VAL B 281 3.22 23.18 -12.91
C VAL B 281 4.30 23.64 -13.89
N HIS B 282 5.41 24.12 -13.34
CA HIS B 282 6.62 24.31 -14.09
C HIS B 282 7.53 23.16 -13.78
N VAL B 283 7.81 22.32 -14.77
CA VAL B 283 8.82 21.28 -14.64
C VAL B 283 10.22 21.85 -14.97
N ILE B 284 11.20 21.65 -14.09
CA ILE B 284 12.59 22.05 -14.36
C ILE B 284 13.61 21.09 -13.77
N GLY B 285 14.83 21.15 -14.29
CA GLY B 285 15.98 20.50 -13.66
C GLY B 285 16.41 21.32 -12.46
N LYS B 286 17.02 20.68 -11.48
CA LYS B 286 17.53 21.36 -10.29
C LYS B 286 18.56 22.41 -10.60
N ASP B 287 19.23 22.27 -11.74
CA ASP B 287 20.25 23.22 -12.24
C ASP B 287 19.77 24.68 -12.37
N ILE B 288 18.47 24.88 -12.65
CA ILE B 288 17.93 26.23 -12.83
C ILE B 288 16.91 26.60 -11.74
N LEU B 289 16.99 25.91 -10.60
CA LEU B 289 16.00 26.05 -9.53
C LEU B 289 15.92 27.48 -9.03
N LYS B 290 17.08 28.01 -8.62
CA LYS B 290 17.12 29.32 -8.00
C LYS B 290 16.69 30.42 -8.97
N PHE B 291 16.97 30.22 -10.24
CA PHE B 291 16.54 31.20 -11.22
C PHE B 291 15.02 31.15 -11.51
N HIS B 292 14.37 29.97 -11.39
CA HIS B 292 12.90 29.90 -11.55
C HIS B 292 12.11 30.22 -10.30
N ALA B 293 12.69 29.92 -9.15
CA ALA B 293 11.97 30.04 -7.91
C ALA B 293 12.16 31.42 -7.31
N ILE B 294 13.15 32.15 -7.80
CA ILE B 294 13.43 33.51 -7.33
C ILE B 294 13.11 34.58 -8.40
N TYR B 295 13.91 34.64 -9.47
CA TYR B 295 13.72 35.65 -10.52
C TYR B 295 12.31 35.70 -11.11
N TRP B 296 11.84 34.57 -11.61
CA TRP B 296 10.54 34.49 -12.31
C TRP B 296 9.42 35.04 -11.42
N PRO B 297 9.25 34.53 -10.20
CA PRO B 297 8.24 35.16 -9.36
C PRO B 297 8.43 36.67 -9.11
N ALA B 298 9.67 37.11 -8.91
CA ALA B 298 9.95 38.53 -8.73
C ALA B 298 9.45 39.31 -9.93
N PHE B 299 9.77 38.85 -11.14
CA PHE B 299 9.23 39.48 -12.35
C PHE B 299 7.69 39.56 -12.32
N LEU B 300 7.04 38.48 -11.89
CA LEU B 300 5.58 38.43 -11.93
C LEU B 300 4.96 39.36 -10.88
N LEU B 301 5.59 39.42 -9.71
CA LEU B 301 5.20 40.38 -8.66
C LEU B 301 5.31 41.83 -9.18
N SER B 302 6.45 42.15 -9.79
CA SER B 302 6.66 43.47 -10.36
C SER B 302 5.54 43.78 -11.35
N ALA B 303 5.32 42.89 -12.29
CA ALA B 303 4.32 43.14 -13.31
C ALA B 303 2.86 43.07 -12.82
N GLY B 304 2.66 42.57 -11.60
CA GLY B 304 1.32 42.41 -11.06
C GLY B 304 0.57 41.28 -11.72
N LEU B 305 1.31 40.26 -12.15
CA LEU B 305 0.75 39.05 -12.75
C LEU B 305 0.66 37.93 -11.71
N PRO B 306 -0.27 36.98 -11.91
CA PRO B 306 -0.39 35.86 -10.97
C PRO B 306 0.84 34.96 -10.98
N LEU B 307 1.11 34.32 -9.84
CA LEU B 307 2.27 33.45 -9.74
C LEU B 307 1.91 32.00 -10.00
N PRO B 308 2.88 31.21 -10.47
CA PRO B 308 2.65 29.79 -10.70
C PRO B 308 2.33 29.06 -9.41
N LYS B 309 1.54 27.98 -9.51
CA LYS B 309 1.15 27.21 -8.32
C LYS B 309 2.26 26.31 -7.79
N LYS B 310 3.01 25.69 -8.68
CA LYS B 310 4.09 24.78 -8.29
C LYS B 310 5.25 24.84 -9.25
N ILE B 311 6.44 24.65 -8.69
CA ILE B 311 7.64 24.46 -9.47
C ILE B 311 8.27 23.17 -8.98
N VAL B 312 8.40 22.20 -9.88
CA VAL B 312 8.95 20.90 -9.55
C VAL B 312 10.31 20.75 -10.19
N ALA B 313 11.32 20.50 -9.37
CA ALA B 313 12.71 20.42 -9.81
C ALA B 313 13.23 19.01 -9.61
N HIS B 314 13.69 18.39 -10.70
CA HIS B 314 14.14 17.00 -10.68
C HIS B 314 15.67 16.91 -10.72
N GLY B 315 16.18 15.67 -10.71
CA GLY B 315 17.62 15.41 -10.72
C GLY B 315 18.26 15.11 -12.08
N TRP B 316 19.55 14.77 -12.03
CA TRP B 316 20.34 14.46 -13.22
CA TRP B 316 20.35 14.46 -13.22
C TRP B 316 20.59 12.95 -13.32
N TRP B 317 20.45 12.39 -14.52
CA TRP B 317 20.71 10.95 -14.72
C TRP B 317 22.20 10.60 -14.86
N THR B 318 22.53 9.36 -14.51
CA THR B 318 23.79 8.71 -14.85
C THR B 318 23.47 7.40 -15.60
N LYS B 319 24.47 6.82 -16.27
CA LYS B 319 24.35 5.49 -16.83
C LYS B 319 25.48 4.61 -16.32
N ASP B 320 25.13 3.39 -15.91
CA ASP B 320 26.08 2.44 -15.34
C ASP B 320 26.94 3.09 -14.25
N ARG B 321 26.30 3.94 -13.46
CA ARG B 321 26.90 4.63 -12.32
C ARG B 321 28.00 5.65 -12.64
N LYS B 322 28.20 5.97 -13.92
CA LYS B 322 29.19 6.98 -14.32
C LYS B 322 28.50 8.15 -15.01
N LYS B 323 29.22 9.25 -15.16
CA LYS B 323 28.67 10.45 -15.80
C LYS B 323 28.37 10.19 -17.27
N ILE B 324 27.32 10.82 -17.77
CA ILE B 324 26.92 10.63 -19.16
C ILE B 324 27.65 11.65 -20.04
N SER B 325 28.42 11.14 -20.99
CA SER B 325 29.21 11.98 -21.88
C SER B 325 29.54 11.21 -23.15
N LYS B 326 29.31 11.81 -24.31
CA LYS B 326 29.71 11.21 -25.57
C LYS B 326 31.23 11.12 -25.68
N SER B 327 31.92 12.13 -25.18
CA SER B 327 33.39 12.20 -25.24
C SER B 327 34.08 11.20 -24.28
N LEU B 328 33.47 10.91 -23.14
CA LEU B 328 34.03 9.92 -22.19
C LEU B 328 33.56 8.49 -22.46
N GLY B 329 32.81 8.28 -23.54
CA GLY B 329 32.37 6.94 -23.92
C GLY B 329 31.24 6.37 -23.08
N ASN B 330 30.37 7.22 -22.54
CA ASN B 330 29.17 6.77 -21.85
C ASN B 330 27.92 7.45 -22.39
N VAL B 331 27.44 6.93 -23.51
CA VAL B 331 26.28 7.46 -24.20
C VAL B 331 25.00 6.77 -23.75
N PHE B 332 24.05 7.57 -23.28
CA PHE B 332 22.70 7.10 -23.00
C PHE B 332 21.73 7.74 -24.01
N ASP B 333 21.46 7.01 -25.10
CA ASP B 333 20.58 7.46 -26.16
C ASP B 333 19.14 6.93 -25.95
N PRO B 334 18.23 7.80 -25.49
CA PRO B 334 16.86 7.38 -25.19
C PRO B 334 16.11 6.71 -26.34
N VAL B 335 16.27 7.20 -27.56
CA VAL B 335 15.55 6.64 -28.70
C VAL B 335 16.08 5.25 -29.01
N GLU B 336 17.39 5.10 -28.97
CA GLU B 336 18.02 3.81 -29.21
C GLU B 336 17.46 2.80 -28.20
N LYS B 337 17.49 3.16 -26.92
CA LYS B 337 17.06 2.24 -25.87
C LYS B 337 15.57 1.92 -25.95
N ALA B 338 14.78 2.90 -26.39
CA ALA B 338 13.34 2.71 -26.62
C ALA B 338 13.07 1.72 -27.76
N GLU B 339 13.89 1.79 -28.80
CA GLU B 339 13.79 0.85 -29.91
C GLU B 339 14.11 -0.57 -29.42
N GLU B 340 15.03 -0.65 -28.47
CA GLU B 340 15.52 -1.92 -27.93
C GLU B 340 14.49 -2.57 -27.00
N PHE B 341 13.90 -1.78 -26.10
CA PHE B 341 13.03 -2.32 -25.05
C PHE B 341 11.56 -1.89 -25.16
N GLY B 342 11.26 -0.90 -25.98
CA GLY B 342 9.91 -0.33 -26.06
C GLY B 342 9.87 1.10 -25.53
N TYR B 343 9.00 1.91 -26.12
CA TYR B 343 8.88 3.32 -25.76
C TYR B 343 8.18 3.54 -24.42
N ASP B 344 7.04 2.89 -24.23
CA ASP B 344 6.33 2.98 -22.95
C ASP B 344 7.19 2.38 -21.84
N ALA B 345 7.88 1.30 -22.15
CA ALA B 345 8.71 0.63 -21.15
C ALA B 345 9.87 1.52 -20.69
N LEU B 346 10.48 2.26 -21.61
CA LEU B 346 11.53 3.19 -21.24
C LEU B 346 10.98 4.31 -20.36
N LYS B 347 9.84 4.86 -20.78
CA LYS B 347 9.18 5.93 -20.02
C LYS B 347 8.80 5.47 -18.61
N TYR B 348 8.20 4.29 -18.52
CA TYR B 348 7.91 3.68 -17.23
C TYR B 348 9.16 3.65 -16.34
N PHE B 349 10.26 3.19 -16.91
CA PHE B 349 11.49 3.05 -16.16
C PHE B 349 11.99 4.39 -15.66
N LEU B 350 12.05 5.36 -16.56
CA LEU B 350 12.54 6.67 -16.18
C LEU B 350 11.74 7.25 -15.02
N LEU B 351 10.44 7.04 -15.04
CA LEU B 351 9.55 7.63 -14.05
C LEU B 351 9.46 6.82 -12.78
N ARG B 352 9.72 5.52 -12.88
CA ARG B 352 9.59 4.59 -11.75
C ARG B 352 10.90 4.46 -11.00
N GLU B 353 11.99 4.40 -11.74
CA GLU B 353 13.29 4.10 -11.15
C GLU B 353 13.72 5.15 -10.13
N SER B 354 13.36 6.41 -10.35
CA SER B 354 13.80 7.48 -9.47
C SER B 354 12.72 8.51 -9.19
N GLY B 355 12.87 9.18 -8.06
CA GLY B 355 12.05 10.34 -7.75
C GLY B 355 12.78 11.62 -8.12
N PHE B 356 12.12 12.74 -7.87
CA PHE B 356 12.62 14.05 -8.24
C PHE B 356 13.72 14.48 -7.28
N SER B 357 13.74 13.88 -6.08
CA SER B 357 14.81 14.10 -5.09
C SER B 357 16.09 13.38 -5.46
N ASP B 358 15.97 12.36 -6.28
CA ASP B 358 17.09 11.48 -6.55
C ASP B 358 17.68 11.80 -7.91
N ASP B 359 18.95 11.47 -8.05
CA ASP B 359 19.62 11.42 -9.34
C ASP B 359 19.59 9.96 -9.81
N GLY B 360 18.66 9.67 -10.73
CA GLY B 360 18.48 8.34 -11.26
C GLY B 360 19.72 7.77 -11.93
N ASP B 361 19.77 6.45 -12.01
CA ASP B 361 20.85 5.74 -12.69
C ASP B 361 20.25 4.73 -13.66
N TYR B 362 20.61 4.84 -14.93
CA TYR B 362 20.17 3.86 -15.93
C TYR B 362 21.17 2.71 -16.06
N SER B 363 20.63 1.49 -16.17
CA SER B 363 21.39 0.34 -16.65
C SER B 363 20.47 -0.61 -17.39
N ASP B 364 21.03 -1.36 -18.34
CA ASP B 364 20.28 -2.38 -19.05
C ASP B 364 19.78 -3.43 -18.08
N LYS B 365 20.61 -3.77 -17.11
CA LYS B 365 20.28 -4.77 -16.11
C LYS B 365 18.99 -4.39 -15.40
N ASN B 366 18.93 -3.15 -14.91
CA ASN B 366 17.79 -2.70 -14.11
C ASN B 366 16.54 -2.41 -14.92
N MET B 367 16.72 -1.89 -16.13
CA MET B 367 15.64 -1.72 -17.10
C MET B 367 14.96 -3.05 -17.39
N ILE B 368 15.77 -4.09 -17.55
CA ILE B 368 15.26 -5.43 -17.81
C ILE B 368 14.59 -6.01 -16.55
N ALA B 369 15.19 -5.74 -15.39
CA ALA B 369 14.61 -6.17 -14.12
C ALA B 369 13.17 -5.65 -13.98
N ARG B 370 12.98 -4.36 -14.28
CA ARG B 370 11.65 -3.74 -14.17
C ARG B 370 10.73 -4.15 -15.30
N LEU B 371 11.26 -4.29 -16.52
CA LEU B 371 10.46 -4.76 -17.64
C LEU B 371 9.85 -6.16 -17.38
N ASN B 372 10.69 -7.08 -16.90
CA ASN B 372 10.26 -8.45 -16.66
C ASN B 372 9.36 -8.56 -15.44
N GLY B 373 9.81 -8.01 -14.32
CA GLY B 373 9.12 -8.17 -13.05
C GLY B 373 7.81 -7.41 -12.96
N GLU B 374 7.81 -6.16 -13.40
CA GLU B 374 6.69 -5.27 -13.16
C GLU B 374 5.76 -5.25 -14.37
N LEU B 375 6.29 -4.89 -15.52
CA LEU B 375 5.47 -4.73 -16.72
C LEU B 375 4.93 -6.05 -17.30
N ALA B 376 5.77 -7.08 -17.36
CA ALA B 376 5.38 -8.37 -17.92
C ALA B 376 4.69 -9.28 -16.89
N ASP B 377 5.38 -9.55 -15.78
CA ASP B 377 4.89 -10.47 -14.75
C ASP B 377 3.72 -9.91 -13.94
N THR B 378 3.82 -8.66 -13.50
CA THR B 378 2.74 -8.11 -12.70
C THR B 378 1.58 -7.64 -13.56
N LEU B 379 1.82 -6.66 -14.42
CA LEU B 379 0.74 -6.11 -15.25
C LEU B 379 0.33 -7.02 -16.40
N GLY B 380 1.26 -7.33 -17.29
CA GLY B 380 0.94 -8.05 -18.52
C GLY B 380 0.35 -9.42 -18.27
N ASN B 381 0.97 -10.17 -17.37
CA ASN B 381 0.53 -11.53 -17.03
C ASN B 381 -0.92 -11.52 -16.57
N LEU B 382 -1.27 -10.51 -15.80
CA LEU B 382 -2.60 -10.37 -15.25
C LEU B 382 -3.63 -10.04 -16.34
N VAL B 383 -3.21 -9.25 -17.33
CA VAL B 383 -4.09 -8.86 -18.42
C VAL B 383 -4.46 -10.08 -19.25
N MET B 384 -3.49 -10.98 -19.40
CA MET B 384 -3.73 -12.23 -20.09
C MET B 384 -4.66 -13.16 -19.31
N ARG B 385 -4.43 -13.30 -18.00
CA ARG B 385 -5.28 -14.18 -17.17
CA ARG B 385 -5.28 -14.18 -17.18
C ARG B 385 -6.76 -13.84 -17.36
N CYS B 386 -7.12 -12.59 -17.16
CA CYS B 386 -8.53 -12.22 -17.17
C CYS B 386 -9.18 -12.14 -18.56
N THR B 387 -8.39 -12.14 -19.62
CA THR B 387 -8.91 -12.15 -21.00
C THR B 387 -8.74 -13.51 -21.70
N SER B 388 -8.04 -14.42 -21.04
CA SER B 388 -7.85 -15.81 -21.49
C SER B 388 -9.16 -16.53 -21.85
N ALA B 389 -9.19 -17.15 -23.02
CA ALA B 389 -10.31 -17.99 -23.41
C ALA B 389 -10.51 -19.17 -22.45
N LYS B 390 -9.43 -19.61 -21.82
CA LYS B 390 -9.48 -20.73 -20.86
C LYS B 390 -10.21 -20.38 -19.57
N ILE B 391 -10.10 -19.12 -19.16
CA ILE B 391 -10.67 -18.65 -17.90
C ILE B 391 -11.94 -17.84 -18.16
N ASN B 392 -11.89 -16.97 -19.16
CA ASN B 392 -13.03 -16.15 -19.55
C ASN B 392 -13.65 -16.77 -20.80
N VAL B 393 -14.42 -17.83 -20.59
CA VAL B 393 -14.83 -18.66 -21.71
C VAL B 393 -15.87 -17.95 -22.60
N ASN B 394 -16.65 -17.03 -22.05
CA ASN B 394 -17.63 -16.27 -22.86
C ASN B 394 -17.12 -15.00 -23.53
N GLY B 395 -15.85 -14.67 -23.31
CA GLY B 395 -15.26 -13.45 -23.87
C GLY B 395 -16.03 -12.21 -23.53
N GLU B 396 -16.28 -11.97 -22.25
CA GLU B 396 -17.06 -10.81 -21.84
C GLU B 396 -16.91 -10.53 -20.35
N TRP B 397 -17.31 -9.33 -19.95
CA TRP B 397 -17.38 -8.95 -18.54
C TRP B 397 -18.60 -9.65 -17.92
N PRO B 398 -18.38 -10.56 -16.94
CA PRO B 398 -19.51 -11.24 -16.32
C PRO B 398 -20.21 -10.41 -15.27
N SER B 399 -21.41 -10.82 -14.94
CA SER B 399 -22.18 -10.20 -13.88
C SER B 399 -21.79 -10.91 -12.60
N PRO B 400 -21.28 -10.19 -11.60
CA PRO B 400 -20.79 -10.86 -10.42
C PRO B 400 -21.93 -11.42 -9.57
N ALA B 401 -21.63 -12.45 -8.79
CA ALA B 401 -22.54 -12.93 -7.74
C ALA B 401 -22.14 -12.29 -6.41
N ALA B 402 -22.62 -12.84 -5.30
CA ALA B 402 -22.41 -12.20 -3.99
C ALA B 402 -20.92 -12.05 -3.65
N TYR B 403 -20.61 -11.00 -2.91
CA TYR B 403 -19.23 -10.68 -2.59
C TYR B 403 -18.84 -11.25 -1.23
N THR B 404 -17.68 -11.88 -1.15
CA THR B 404 -17.10 -12.28 0.14
C THR B 404 -16.36 -11.09 0.75
N GLU B 405 -15.95 -11.24 2.01
CA GLU B 405 -15.13 -10.21 2.66
C GLU B 405 -13.84 -10.03 1.92
N GLU B 406 -13.28 -11.12 1.37
CA GLU B 406 -12.04 -11.02 0.63
C GLU B 406 -12.29 -10.24 -0.66
N ASP B 407 -13.41 -10.47 -1.32
CA ASP B 407 -13.78 -9.66 -2.47
C ASP B 407 -13.82 -8.16 -2.11
N GLU B 408 -14.43 -7.82 -0.97
CA GLU B 408 -14.58 -6.41 -0.57
C GLU B 408 -13.24 -5.81 -0.18
N SER B 409 -12.34 -6.62 0.36
CA SER B 409 -11.00 -6.12 0.67
C SER B 409 -10.31 -5.61 -0.60
N LEU B 410 -10.52 -6.30 -1.72
CA LEU B 410 -9.88 -5.93 -2.97
C LEU B 410 -10.61 -4.78 -3.64
N ILE B 411 -11.93 -4.90 -3.68
CA ILE B 411 -12.80 -3.86 -4.19
C ILE B 411 -12.50 -2.52 -3.53
N GLN B 412 -12.27 -2.55 -2.22
CA GLN B 412 -11.90 -1.33 -1.49
C GLN B 412 -10.59 -0.74 -1.99
N LEU B 413 -9.61 -1.59 -2.28
CA LEU B 413 -8.31 -1.08 -2.74
C LEU B 413 -8.48 -0.43 -4.09
N ILE B 414 -9.32 -1.05 -4.93
CA ILE B 414 -9.58 -0.54 -6.26
C ILE B 414 -10.29 0.81 -6.17
N LYS B 415 -11.32 0.90 -5.33
CA LYS B 415 -12.03 2.16 -5.08
C LYS B 415 -11.14 3.30 -4.53
N ASP B 416 -10.22 2.94 -3.66
CA ASP B 416 -9.42 3.93 -2.99
C ASP B 416 -8.33 4.45 -3.91
N LEU B 417 -7.93 3.65 -4.89
CA LEU B 417 -6.79 3.97 -5.73
C LEU B 417 -6.82 5.32 -6.45
N PRO B 418 -7.98 5.70 -7.05
CA PRO B 418 -7.99 6.98 -7.77
C PRO B 418 -7.67 8.22 -6.93
N GLY B 419 -8.25 8.32 -5.74
CA GLY B 419 -7.96 9.44 -4.86
C GLY B 419 -6.51 9.45 -4.43
N THR B 420 -5.99 8.25 -4.16
CA THR B 420 -4.60 8.11 -3.79
C THR B 420 -3.70 8.55 -4.92
N ALA B 421 -3.97 8.00 -6.10
CA ALA B 421 -3.20 8.29 -7.29
C ALA B 421 -3.32 9.75 -7.67
N ASP B 422 -4.53 10.30 -7.54
CA ASP B 422 -4.73 11.70 -7.85
C ASP B 422 -3.82 12.61 -7.02
N HIS B 423 -3.74 12.38 -5.72
CA HIS B 423 -2.94 13.24 -4.85
C HIS B 423 -1.46 13.20 -5.22
N TYR B 424 -0.95 12.02 -5.53
CA TYR B 424 0.44 11.91 -5.90
C TYR B 424 0.72 12.65 -7.20
N TYR B 425 -0.19 12.49 -8.16
CA TYR B 425 -0.06 13.10 -9.48
C TYR B 425 -0.08 14.61 -9.30
N LEU B 426 -0.86 15.09 -8.33
CA LEU B 426 -0.95 16.52 -8.07
C LEU B 426 0.20 17.14 -7.33
N ILE B 427 1.03 16.35 -6.65
CA ILE B 427 2.10 16.91 -5.81
C ILE B 427 3.08 17.79 -6.61
N PRO B 428 3.62 17.28 -7.73
CA PRO B 428 3.53 15.95 -8.35
C PRO B 428 4.63 15.01 -7.86
N ASP B 429 4.29 13.73 -7.76
CA ASP B 429 5.23 12.65 -7.44
C ASP B 429 4.77 11.46 -8.27
N ILE B 430 5.29 11.37 -9.48
CA ILE B 430 4.84 10.38 -10.42
C ILE B 430 5.30 9.00 -9.97
N GLN B 431 6.46 8.94 -9.35
CA GLN B 431 6.97 7.66 -8.87
C GLN B 431 6.00 7.00 -7.89
N LYS B 432 5.65 7.71 -6.83
CA LYS B 432 4.69 7.20 -5.87
C LYS B 432 3.34 6.87 -6.50
N ALA B 433 2.94 7.65 -7.49
CA ALA B 433 1.68 7.39 -8.18
C ALA B 433 1.76 6.02 -8.85
N ILE B 434 2.88 5.76 -9.52
CA ILE B 434 3.10 4.45 -10.12
C ILE B 434 3.13 3.34 -9.06
N ILE B 435 3.85 3.57 -7.97
CA ILE B 435 3.99 2.55 -6.94
C ILE B 435 2.61 2.21 -6.38
N ALA B 436 1.80 3.22 -6.19
CA ALA B 436 0.46 3.03 -5.67
C ALA B 436 -0.34 2.13 -6.60
N VAL B 437 -0.31 2.42 -7.91
CA VAL B 437 -1.07 1.62 -8.83
C VAL B 437 -0.60 0.17 -8.79
N PHE B 438 0.72 -0.01 -8.78
CA PHE B 438 1.27 -1.34 -8.76
C PHE B 438 1.02 -2.08 -7.45
N ASP B 439 0.86 -1.36 -6.34
CA ASP B 439 0.45 -2.02 -5.11
C ASP B 439 -0.92 -2.70 -5.32
N VAL B 440 -1.78 -2.05 -6.08
CA VAL B 440 -3.09 -2.62 -6.33
C VAL B 440 -2.95 -3.78 -7.31
N LEU B 441 -2.07 -3.63 -8.28
CA LEU B 441 -1.81 -4.71 -9.22
C LEU B 441 -1.32 -5.97 -8.50
N ARG B 442 -0.50 -5.80 -7.49
CA ARG B 442 0.03 -6.92 -6.75
C ARG B 442 -1.08 -7.59 -5.95
N ALA B 443 -1.93 -6.78 -5.34
CA ALA B 443 -3.11 -7.28 -4.62
C ALA B 443 -4.04 -8.08 -5.53
N ILE B 444 -4.27 -7.60 -6.75
CA ILE B 444 -5.16 -8.29 -7.68
C ILE B 444 -4.57 -9.65 -8.09
N ASN B 445 -3.26 -9.68 -8.35
CA ASN B 445 -2.57 -10.94 -8.62
C ASN B 445 -2.71 -11.95 -7.49
N ALA B 446 -2.34 -11.53 -6.27
CA ALA B 446 -2.54 -12.33 -5.07
C ALA B 446 -3.96 -12.90 -5.00
N TYR B 447 -4.95 -12.02 -5.19
CA TYR B 447 -6.36 -12.43 -5.18
C TYR B 447 -6.63 -13.52 -6.24
N VAL B 448 -6.13 -13.31 -7.44
CA VAL B 448 -6.29 -14.29 -8.51
C VAL B 448 -5.65 -15.63 -8.13
N THR B 449 -4.45 -15.57 -7.56
CA THR B 449 -3.78 -16.78 -7.10
C THR B 449 -4.57 -17.53 -6.02
N ASP B 450 -5.14 -16.82 -5.06
CA ASP B 450 -5.94 -17.45 -4.01
C ASP B 450 -7.20 -18.06 -4.58
N MET B 451 -7.88 -17.33 -5.45
CA MET B 451 -9.17 -17.78 -5.95
C MET B 451 -9.03 -18.87 -7.00
N ALA B 452 -7.82 -19.02 -7.55
CA ALA B 452 -7.51 -19.98 -8.61
C ALA B 452 -8.65 -20.18 -9.64
N PRO B 453 -8.97 -19.12 -10.42
CA PRO B 453 -10.14 -19.14 -11.29
C PRO B 453 -10.10 -20.20 -12.39
N TRP B 454 -8.90 -20.62 -12.79
CA TRP B 454 -8.74 -21.71 -13.75
C TRP B 454 -9.44 -22.99 -13.28
N LYS B 455 -9.46 -23.23 -11.98
CA LYS B 455 -10.19 -24.36 -11.41
C LYS B 455 -11.70 -24.11 -11.34
N LEU B 456 -12.09 -22.85 -11.17
CA LEU B 456 -13.48 -22.50 -10.97
C LEU B 456 -14.33 -22.64 -12.23
N VAL B 457 -13.70 -22.62 -13.40
CA VAL B 457 -14.45 -22.78 -14.67
C VAL B 457 -15.17 -24.13 -14.69
N LYS B 458 -14.56 -25.12 -14.03
CA LYS B 458 -15.12 -26.46 -13.88
C LYS B 458 -15.94 -26.60 -12.58
N THR B 459 -15.36 -26.13 -11.48
CA THR B 459 -15.92 -26.31 -10.16
C THR B 459 -17.15 -25.45 -9.84
N ASP B 460 -17.01 -24.12 -9.99
CA ASP B 460 -18.00 -23.17 -9.49
C ASP B 460 -18.16 -21.94 -10.41
N PRO B 461 -18.86 -22.11 -11.55
CA PRO B 461 -19.02 -20.99 -12.48
C PRO B 461 -19.64 -19.74 -11.86
N GLU B 462 -20.62 -19.90 -10.98
CA GLU B 462 -21.22 -18.76 -10.29
C GLU B 462 -20.13 -17.94 -9.59
N ARG B 463 -19.24 -18.61 -8.87
CA ARG B 463 -18.14 -17.92 -8.18
C ARG B 463 -17.14 -17.28 -9.15
N LEU B 464 -16.83 -17.98 -10.23
CA LEU B 464 -15.92 -17.44 -11.25
C LEU B 464 -16.40 -16.09 -11.75
N ARG B 465 -17.70 -15.95 -11.93
CA ARG B 465 -18.28 -14.68 -12.36
C ARG B 465 -17.80 -13.53 -11.47
N THR B 466 -17.96 -13.70 -10.17
CA THR B 466 -17.57 -12.69 -9.21
C THR B 466 -16.07 -12.39 -9.31
N VAL B 467 -15.26 -13.44 -9.29
CA VAL B 467 -13.81 -13.30 -9.26
C VAL B 467 -13.31 -12.59 -10.52
N LEU B 468 -13.87 -12.98 -11.64
CA LEU B 468 -13.45 -12.49 -12.94
C LEU B 468 -13.84 -11.03 -13.11
N TYR B 469 -15.01 -10.66 -12.59
CA TYR B 469 -15.50 -9.32 -12.76
C TYR B 469 -14.66 -8.32 -11.97
N ILE B 470 -14.32 -8.68 -10.74
CA ILE B 470 -13.50 -7.83 -9.90
C ILE B 470 -12.12 -7.69 -10.53
N THR B 471 -11.59 -8.79 -11.04
CA THR B 471 -10.27 -8.78 -11.65
C THR B 471 -10.27 -7.83 -12.83
N LEU B 472 -11.22 -8.05 -13.74
CA LEU B 472 -11.38 -7.17 -14.92
C LEU B 472 -11.46 -5.72 -14.51
N GLU B 473 -12.28 -5.43 -13.51
CA GLU B 473 -12.48 -4.06 -13.10
C GLU B 473 -11.23 -3.47 -12.46
N GLY B 474 -10.49 -4.27 -11.69
CA GLY B 474 -9.23 -3.80 -11.14
C GLY B 474 -8.22 -3.44 -12.22
N VAL B 475 -8.14 -4.29 -13.24
CA VAL B 475 -7.23 -4.07 -14.36
C VAL B 475 -7.60 -2.80 -15.12
N ARG B 476 -8.89 -2.57 -15.33
CA ARG B 476 -9.34 -1.37 -16.00
C ARG B 476 -8.91 -0.11 -15.25
N VAL B 477 -9.18 -0.07 -13.96
CA VAL B 477 -8.96 1.14 -13.17
C VAL B 477 -7.47 1.47 -13.02
N THR B 478 -6.67 0.44 -12.77
CA THR B 478 -5.24 0.56 -12.68
C THR B 478 -4.61 1.01 -14.01
N THR B 479 -5.16 0.49 -15.11
CA THR B 479 -4.68 0.81 -16.45
C THR B 479 -4.99 2.24 -16.78
N LEU B 480 -6.21 2.66 -16.44
CA LEU B 480 -6.65 4.03 -16.62
C LEU B 480 -5.67 4.98 -15.91
N LEU B 481 -5.34 4.68 -14.66
CA LEU B 481 -4.45 5.56 -13.91
C LEU B 481 -2.99 5.46 -14.32
N LEU B 482 -2.62 4.36 -14.98
CA LEU B 482 -1.29 4.24 -15.62
C LEU B 482 -1.25 4.70 -17.08
N SER B 483 -2.37 5.11 -17.65
CA SER B 483 -2.37 5.46 -19.07
C SER B 483 -1.51 6.70 -19.38
N PRO B 484 -1.37 7.62 -18.42
CA PRO B 484 -0.40 8.69 -18.67
C PRO B 484 1.04 8.20 -18.73
N ILE B 485 1.32 7.05 -18.13
CA ILE B 485 2.68 6.49 -18.09
C ILE B 485 2.93 5.61 -19.32
N LEU B 486 1.94 4.82 -19.69
CA LEU B 486 2.04 3.89 -20.81
C LEU B 486 0.93 4.19 -21.79
N PRO B 487 1.00 5.34 -22.45
CA PRO B 487 -0.12 5.78 -23.28
C PRO B 487 -0.48 4.83 -24.44
N ARG B 488 0.51 4.17 -25.04
CA ARG B 488 0.22 3.22 -26.13
C ARG B 488 -0.28 1.88 -25.60
N LYS B 489 0.41 1.34 -24.61
CA LYS B 489 0.08 0.03 -24.07
C LYS B 489 -1.29 0.00 -23.40
N SER B 490 -1.69 1.11 -22.80
CA SER B 490 -2.98 1.19 -22.16
C SER B 490 -4.11 1.03 -23.19
N VAL B 491 -3.88 1.50 -24.41
CA VAL B 491 -4.85 1.38 -25.47
C VAL B 491 -4.95 -0.10 -25.88
N VAL B 492 -3.81 -0.78 -25.90
CA VAL B 492 -3.81 -2.21 -26.22
C VAL B 492 -4.64 -2.94 -25.18
N ILE B 493 -4.38 -2.64 -23.91
CA ILE B 493 -5.07 -3.28 -22.79
C ILE B 493 -6.56 -2.98 -22.83
N PHE B 494 -6.91 -1.72 -23.07
CA PHE B 494 -8.33 -1.36 -23.16
C PHE B 494 -9.02 -2.07 -24.32
N ASP B 495 -8.32 -2.24 -25.43
CA ASP B 495 -8.88 -2.96 -26.57
C ASP B 495 -9.15 -4.41 -26.19
N MET B 496 -8.19 -5.02 -25.48
CA MET B 496 -8.33 -6.40 -25.02
C MET B 496 -9.54 -6.53 -24.11
N LEU B 497 -9.69 -5.59 -23.20
CA LEU B 497 -10.80 -5.61 -22.24
C LEU B 497 -12.15 -5.27 -22.89
N GLY B 498 -12.09 -4.75 -24.12
CA GLY B 498 -13.29 -4.30 -24.81
C GLY B 498 -13.93 -3.09 -24.18
N VAL B 499 -13.12 -2.23 -23.57
CA VAL B 499 -13.61 -1.03 -22.92
C VAL B 499 -13.98 0.03 -23.96
N PRO B 500 -15.24 0.48 -23.98
CA PRO B 500 -15.60 1.52 -24.92
C PRO B 500 -14.74 2.75 -24.75
N GLU B 501 -14.43 3.40 -25.87
CA GLU B 501 -13.71 4.68 -25.89
C GLU B 501 -14.20 5.70 -24.87
N VAL B 502 -15.52 5.80 -24.75
CA VAL B 502 -16.16 6.73 -23.83
C VAL B 502 -15.70 6.54 -22.38
N HIS B 503 -15.35 5.31 -22.00
CA HIS B 503 -14.90 5.01 -20.63
C HIS B 503 -13.38 4.96 -20.43
N ARG B 504 -12.62 5.51 -21.37
CA ARG B 504 -11.17 5.46 -21.30
C ARG B 504 -10.60 6.77 -20.79
N LYS B 505 -11.48 7.74 -20.57
CA LYS B 505 -11.12 8.93 -19.83
C LYS B 505 -12.36 9.59 -19.21
N GLY B 506 -12.12 10.52 -18.29
CA GLY B 506 -13.18 11.17 -17.54
C GLY B 506 -13.09 10.74 -16.09
N ILE B 507 -13.04 11.72 -15.19
CA ILE B 507 -13.01 11.46 -13.75
C ILE B 507 -14.15 10.52 -13.34
N GLU B 508 -15.31 10.69 -13.95
CA GLU B 508 -16.47 9.85 -13.67
C GLU B 508 -16.17 8.36 -13.89
N ASN B 509 -15.23 8.03 -14.77
CA ASN B 509 -14.85 6.64 -15.03
C ASN B 509 -13.76 6.08 -14.14
N PHE B 510 -13.29 6.88 -13.19
CA PHE B 510 -12.36 6.43 -12.16
C PHE B 510 -13.09 5.48 -11.20
N GLU B 511 -14.40 5.68 -11.10
CA GLU B 511 -15.24 4.93 -10.20
C GLU B 511 -15.37 3.46 -10.54
N PHE B 512 -15.25 2.62 -9.51
CA PHE B 512 -15.55 1.21 -9.59
C PHE B 512 -16.92 0.99 -10.23
N GLY B 513 -16.96 0.16 -11.27
CA GLY B 513 -18.21 -0.28 -11.87
C GLY B 513 -18.64 0.45 -13.11
N ALA B 514 -17.72 1.16 -13.76
CA ALA B 514 -18.10 2.03 -14.88
C ALA B 514 -18.46 1.25 -16.13
N VAL B 515 -17.98 0.03 -16.25
CA VAL B 515 -18.23 -0.79 -17.42
C VAL B 515 -19.23 -1.90 -17.08
N PRO B 516 -20.42 -1.86 -17.70
CA PRO B 516 -21.42 -2.87 -17.35
C PRO B 516 -21.05 -4.30 -17.71
N PRO B 517 -21.49 -5.27 -16.87
CA PRO B 517 -21.48 -6.66 -17.31
C PRO B 517 -22.21 -6.79 -18.64
N GLY B 518 -21.80 -7.77 -19.44
CA GLY B 518 -22.33 -7.97 -20.78
C GLY B 518 -21.42 -7.37 -21.85
N THR B 519 -20.58 -6.40 -21.45
CA THR B 519 -19.57 -5.83 -22.33
C THR B 519 -18.67 -6.94 -22.88
N ARG B 520 -18.49 -6.94 -24.19
CA ARG B 520 -17.69 -7.96 -24.88
C ARG B 520 -16.21 -7.62 -24.88
N LEU B 521 -15.37 -8.63 -24.68
CA LEU B 521 -13.93 -8.49 -24.84
C LEU B 521 -13.59 -8.23 -26.31
N GLY B 522 -12.42 -7.62 -26.53
CA GLY B 522 -11.93 -7.37 -27.88
C GLY B 522 -11.33 -8.63 -28.50
N PRO B 523 -11.29 -8.67 -29.84
CA PRO B 523 -10.79 -9.87 -30.51
C PRO B 523 -9.41 -10.28 -30.02
N ALA B 524 -9.20 -11.59 -29.85
CA ALA B 524 -7.91 -12.11 -29.44
C ALA B 524 -7.04 -12.32 -30.68
N VAL B 525 -5.80 -11.84 -30.62
CA VAL B 525 -4.81 -12.11 -31.66
C VAL B 525 -3.94 -13.28 -31.18
N GLU B 526 -3.78 -14.29 -32.03
CA GLU B 526 -3.07 -15.51 -31.65
C GLU B 526 -1.59 -15.26 -31.38
N GLY B 527 -1.13 -15.62 -30.18
CA GLY B 527 0.27 -15.50 -29.80
C GLY B 527 0.76 -14.07 -29.63
N GLU B 528 -0.16 -13.14 -29.33
CA GLU B 528 0.23 -11.75 -29.08
C GLU B 528 0.78 -11.60 -27.66
N VAL B 529 1.62 -10.59 -27.48
CA VAL B 529 2.27 -10.34 -26.20
C VAL B 529 2.23 -8.84 -25.90
N LEU B 530 1.90 -8.51 -24.66
CA LEU B 530 1.82 -7.13 -24.22
C LEU B 530 3.21 -6.55 -23.96
N PHE B 531 3.99 -7.28 -23.18
CA PHE B 531 5.38 -6.92 -22.91
C PHE B 531 6.21 -8.18 -23.01
N SER B 532 7.12 -8.22 -23.98
CA SER B 532 7.99 -9.37 -24.17
C SER B 532 9.11 -9.33 -23.14
N LYS B 533 9.33 -10.46 -22.47
CA LYS B 533 10.40 -10.59 -21.48
C LYS B 533 11.74 -10.69 -22.21
N ARG B 534 12.81 -10.33 -21.52
CA ARG B 534 14.15 -10.33 -22.11
C ARG B 534 15.19 -10.91 -21.16
N SER B 535 16.05 -11.77 -21.68
CA SER B 535 16.93 -12.59 -20.84
C SER B 535 18.11 -11.83 -20.24
N THR B 536 18.85 -12.54 -19.37
CA THR B 536 20.03 -12.01 -18.68
C THR B 536 21.30 -12.26 -19.51
C1 GOL C . -28.69 -29.13 21.76
O1 GOL C . -27.99 -29.28 22.97
C2 GOL C . -29.94 -28.53 22.31
O2 GOL C . -30.98 -29.22 21.64
C3 GOL C . -29.91 -27.02 22.11
O3 GOL C . -30.61 -26.69 20.90
C1 GOL D . 8.39 -8.64 4.49
O1 GOL D . 8.68 -8.77 5.90
C2 GOL D . 8.01 -10.01 3.94
O2 GOL D . 8.41 -10.99 4.90
C3 GOL D . 6.52 -10.14 3.60
O3 GOL D . 5.88 -11.20 4.36
C1 GOL E . -7.19 -2.58 24.85
O1 GOL E . -5.80 -2.27 24.67
C2 GOL E . -7.74 -3.26 23.59
O2 GOL E . -6.93 -4.39 23.27
C3 GOL E . -9.15 -3.77 23.82
O3 GOL E . -9.30 -5.03 23.15
C1 GOL F . -4.40 -16.89 10.42
O1 GOL F . -3.48 -17.09 11.49
C2 GOL F . -4.72 -15.40 10.37
O2 GOL F . -6.15 -15.30 10.23
C3 GOL F . -3.97 -14.71 9.21
O3 GOL F . -3.00 -13.77 9.68
C1 GOL G . -23.67 -46.82 4.93
O1 GOL G . -24.65 -46.80 3.88
C2 GOL G . -22.69 -45.69 4.64
O2 GOL G . -23.08 -45.18 3.37
C3 GOL G . -21.23 -46.17 4.61
O3 GOL G . -20.56 -45.87 5.85
C1 GOL H . -5.08 -5.93 35.03
O1 GOL H . -3.82 -6.59 34.87
C2 GOL H . -5.62 -5.49 33.67
O2 GOL H . -5.17 -4.17 33.38
C3 GOL H . -7.16 -5.53 33.65
O3 GOL H . -7.64 -4.78 32.53
S DMS I . -10.70 -32.27 4.36
O DMS I . -10.39 -33.68 4.72
C1 DMS I . -10.98 -31.37 5.76
C2 DMS I . -9.28 -31.51 3.78
S DMS J . -8.42 -32.85 8.69
O DMS J . -7.21 -32.00 8.65
C1 DMS J . -8.65 -33.59 7.17
C2 DMS J . -8.06 -34.24 9.58
S DMS K . -13.48 -37.47 4.81
O DMS K . -14.27 -37.28 3.57
C1 DMS K . -12.14 -36.39 4.88
C2 DMS K . -14.42 -36.99 6.16
N MET L . -9.00 -31.44 21.21
CA MET L . -8.78 -31.28 19.75
C MET L . -7.29 -31.00 19.52
O MET L . -6.81 -31.11 18.39
CB MET L . -9.62 -30.11 19.19
CG MET L . -11.11 -30.15 19.51
SD MET L . -11.97 -28.63 18.98
CE MET L . -13.69 -29.10 19.14
OXT MET L . -6.54 -30.66 20.45
C1 GOL M . 2.85 42.27 -19.61
O1 GOL M . 3.71 41.13 -19.68
C2 GOL M . 1.65 41.73 -20.32
O2 GOL M . 2.21 40.80 -21.25
C3 GOL M . 0.75 40.97 -19.35
O3 GOL M . 0.32 39.81 -20.06
C1 GOL N . 12.64 -1.36 -5.97
O1 GOL N . 11.55 -1.94 -6.70
C2 GOL N . 12.33 0.10 -5.71
O2 GOL N . 11.49 0.24 -4.56
C3 GOL N . 13.60 0.88 -5.47
O3 GOL N . 13.26 2.27 -5.51
C1 GOL O . -3.42 11.49 -23.68
O1 GOL O . -3.57 12.82 -23.16
C2 GOL O . -3.63 10.36 -22.64
O2 GOL O . -2.37 9.81 -22.21
C3 GOL O . -4.43 9.18 -23.18
O3 GOL O . -3.66 7.98 -23.05
C1 GOL P . 30.84 17.17 -24.53
O1 GOL P . 30.74 18.05 -23.40
C2 GOL P . 29.97 15.93 -24.26
O2 GOL P . 30.82 14.79 -24.14
C3 GOL P . 28.98 15.75 -25.40
O3 GOL P . 28.22 14.55 -25.21
S DMS Q . 4.35 16.39 -29.60
O DMS Q . 3.20 17.01 -30.31
C1 DMS Q . 4.98 15.16 -30.60
C2 DMS Q . 5.68 17.48 -29.52
CL 2EE R . 13.26 28.27 -19.10
C5 2EE R . 14.96 28.60 -18.88
C4 2EE R . 15.35 29.74 -18.20
C6 2EE R . 15.89 27.69 -19.34
C7 2EE R . 17.24 27.90 -19.09
C8 2EE R . 17.62 29.01 -18.32
O 2EE R . 18.94 29.08 -17.86
C9 2EE R . 19.48 30.35 -17.44
C10 2EE R . 20.97 30.35 -17.26
C15 2EE R . 21.62 29.31 -16.61
C14 2EE R . 22.96 29.42 -16.28
C13 2EE R . 23.67 30.55 -16.60
C12 2EE R . 23.04 31.58 -17.26
C11 2EE R . 21.70 31.48 -17.59
C3 2EE R . 16.69 29.98 -17.93
C2 2EE R . 16.91 31.36 -17.35
C1 2EE R . 15.99 31.64 -16.31
C 2EE R . 16.10 31.29 -15.18
C16 2EE R . 18.29 26.99 -19.70
N 2EE R . 18.79 27.46 -21.01
C17 2EE R . 20.26 27.53 -21.11
C18 2EE R . 20.84 28.88 -20.70
C19 2EE R . 21.62 29.62 -21.77
N1 2EE R . 20.79 30.47 -22.62
C20 2EE R . 21.15 31.73 -22.97
O1 2EE R . 22.30 32.15 -22.88
N2 2EE R . 20.10 32.52 -23.48
C21 2EE R . 20.16 33.90 -23.87
C24 2EE R . 18.94 34.53 -24.32
C23 2EE R . 19.08 35.84 -24.63
S 2EE R . 20.71 36.35 -24.39
C22 2EE R . 21.21 34.80 -23.88
#